data_8DZS
#
_entry.id   8DZS
#
_cell.length_a   1.00
_cell.length_b   1.00
_cell.length_c   1.00
_cell.angle_alpha   90.00
_cell.angle_beta   90.00
_cell.angle_gamma   90.00
#
_symmetry.space_group_name_H-M   'P 1'
#
loop_
_entity.id
_entity.type
_entity.pdbx_description
1 polymer 'Kappa-type opioid receptor'
2 polymer 'Guanine nucleotide-binding protein G(z) subunit alpha'
3 polymer 'Guanine nucleotide-binding protein G(I)/G(S)/G(T) subunit beta-1'
4 polymer 'Guanine nucleotide-binding protein G(I)/G(S)/G(O) subunit gamma-2'
5 polymer 'ScFv16 protein'
6 non-polymer 'methyl (3R)-4-[(3,4-dichlorophenyl)acetyl]-3-[(pyrrolidin-1-yl)methyl]piperazine-1-carboxylate'
#
loop_
_entity_poly.entity_id
_entity_poly.type
_entity_poly.pdbx_seq_one_letter_code
_entity_poly.pdbx_strand_id
1 'polypeptide(L)'
;LGSISPAIPVIITAVYSVVFVVGLVGNSLVMFVIIRYTKMKTATNIYIFNLALADALVTTTMPFQSTVYLMNSWPFGDVL
CKIVLSIDYYNMFTSIFTLTMMSVDRYIAVCHPVKALDFRTPLKAKIINICIWLLSSSVGISAIVLGGTKVREDVDVIEC
SLQFPDDDYSWWDLFMKICVFIFAFVIPVLIIIVCYTLMILRLKSVRLLSGSREKDRNLRRITRLVLVVVAVFVVCWTPI
HIFILVEALGSTSHSTAALSSYYFCIALGYTNSSLNPILYAFLDENFKRCFRDFCFPLKMRMERQSTS
;
A
2 'polypeptide(L)'
;MGSTVSAEDKAAAERSKMIDKNLREDGEKQRREIKLLLLGTSNSGKNTIVKQMKIIHSGGFNLEACKEYKPLIIYNAIDS
LTRIIRALAALRIDFHNPDRAYDAVQLFALTGPAESKGEITPELLGVMRRLWADPGAQACFSRSSEYHLEDNAAYYLNDL
ERIAAADYIPTVEDILRSRDMTTGIVENKFTFKELTFKMVDVGAQRSERKKWIHCFEGVTAIIFCVELSGYDLQTSRMAA
SLKLFDSICNNKWFIDTSLILFLNKKDLLAEKIRRIPLTICFPEYKGQNTYEEAAVYIQRQFEDLNRNKETKEIYSHFTC
STDTSNIQFVFDAVTDVIIQNNLKYIGLC
;
B
3 'polypeptide(L)'
;SELDQLRQEAEQLKNQIRDARKACADATLSQITNNIDPVGRIQMRTRRTLRGHLAKIYAMHWGTDSRLLVSASQDGKLII
WDSYTTNKVHAIPLRSSWVMTCAYAPSGNYVACGGLDNICSIYNLKTREGNVRVSRELAGHTGYLSCCRFLDDNQIVTSS
GDTTCALWDIETGQQTTTFTGHTGDVMSLSLAPDTRLFVSGACDASAKLWDVREGMCRQTFTGHESDINAICFFPNGNAF
ATGSDDATCRLFDLRADQELMTYSHDNIICGITSVSFSKSGRLLLAGYDDFNCNVWDALKADRAGVLAGHDNRVSCLGVT
DDGMAVATGSWDSFLKIWN
;
C
4 'polypeptide(L)' MASNNTASIAQARKLVEQLKMEANIDRIKVSKAAADLMAYCEAHAKEDPLLTPVPASENPFREKKFFCAIL D
5 'polypeptide(L)'
;DVQLVESGGGLVQPGGSRKLSCSASGFAFSSFGMHWVRQAPEKGLEWVAYISSGSGTIYYADTVKGRFTISRDDPKNTLF
LQMTSLRSEDTAMYYCVRSIYYYGSSPFDFWGQGTTLTVSSGGGGSGGGGSGGGGSDIVMTQATSSVPVTPGESVSISCR
SSKSLLHSNGNTYLYWFLQRPGQSPQLLIYRMSNLASGVPDRFSGSGSGTAFTLTISRLEAEDVGVYYCMQHLEYPLTFG
AGTKLELKAAA
;
E
#
# COMPACT_ATOMS: atom_id res chain seq x y z
N ALA A 7 1.89 -11.94 -69.06
CA ALA A 7 3.10 -11.43 -68.43
C ALA A 7 3.72 -12.50 -67.54
N ILE A 8 3.79 -12.21 -66.25
CA ILE A 8 4.36 -13.14 -65.27
C ILE A 8 3.72 -12.90 -63.91
N PRO A 9 3.46 -13.95 -63.10
CA PRO A 9 2.91 -13.76 -61.75
C PRO A 9 3.96 -13.39 -60.71
N VAL A 10 4.79 -12.42 -61.04
CA VAL A 10 5.80 -11.90 -60.15
C VAL A 10 5.36 -10.58 -59.52
N ILE A 11 4.79 -9.68 -60.32
CA ILE A 11 4.29 -8.41 -59.80
C ILE A 11 3.10 -8.64 -58.87
N ILE A 12 2.37 -9.75 -59.08
CA ILE A 12 1.30 -10.15 -58.15
C ILE A 12 1.88 -10.51 -56.77
N THR A 13 3.17 -10.89 -56.70
CA THR A 13 3.84 -11.04 -55.43
C THR A 13 4.26 -9.71 -54.80
N ALA A 14 3.70 -8.59 -55.28
CA ALA A 14 3.75 -7.31 -54.58
C ALA A 14 2.99 -7.34 -53.25
N VAL A 15 2.28 -8.44 -52.98
CA VAL A 15 1.79 -8.76 -51.64
C VAL A 15 2.93 -8.95 -50.64
N TYR A 16 4.16 -9.11 -51.12
CA TYR A 16 5.33 -9.04 -50.24
C TYR A 16 5.66 -7.62 -49.80
N SER A 17 4.86 -6.63 -50.18
CA SER A 17 5.01 -5.26 -49.73
C SER A 17 3.88 -4.85 -48.80
N VAL A 18 2.63 -5.00 -49.25
CA VAL A 18 1.46 -4.58 -48.48
C VAL A 18 1.36 -5.34 -47.17
N VAL A 19 1.63 -6.65 -47.21
CA VAL A 19 1.70 -7.44 -45.99
C VAL A 19 2.90 -7.02 -45.16
N PHE A 20 4.01 -6.65 -45.80
CA PHE A 20 5.23 -6.24 -45.13
C PHE A 20 5.04 -5.00 -44.27
N VAL A 21 4.82 -3.85 -44.92
CA VAL A 21 4.93 -2.57 -44.24
C VAL A 21 3.86 -2.45 -43.16
N VAL A 22 2.62 -2.83 -43.49
CA VAL A 22 1.52 -2.81 -42.53
C VAL A 22 1.84 -3.69 -41.33
N GLY A 23 2.47 -4.85 -41.59
CA GLY A 23 2.89 -5.72 -40.50
C GLY A 23 3.83 -5.02 -39.55
N LEU A 24 4.83 -4.33 -40.08
CA LEU A 24 5.71 -3.53 -39.23
C LEU A 24 4.91 -2.44 -38.53
N VAL A 25 4.01 -1.78 -39.27
CA VAL A 25 3.16 -0.76 -38.67
C VAL A 25 2.25 -1.39 -37.63
N GLY A 26 1.83 -2.64 -37.88
CA GLY A 26 0.97 -3.33 -36.93
C GLY A 26 1.64 -3.55 -35.59
N ASN A 27 2.97 -3.66 -35.59
CA ASN A 27 3.69 -3.71 -34.33
C ASN A 27 4.23 -2.34 -33.91
N SER A 28 4.36 -1.40 -34.85
CA SER A 28 4.88 -0.08 -34.53
C SER A 28 3.94 0.66 -33.58
N LEU A 29 2.64 0.53 -33.79
CA LEU A 29 1.66 1.09 -32.88
C LEU A 29 1.43 0.22 -31.66
N VAL A 30 2.05 -0.96 -31.59
CA VAL A 30 1.78 -1.88 -30.48
C VAL A 30 2.62 -1.50 -29.26
N MET A 31 3.92 -1.25 -29.47
CA MET A 31 4.82 -0.92 -28.36
C MET A 31 4.39 0.36 -27.66
N PHE A 32 3.85 1.32 -28.40
CA PHE A 32 3.34 2.55 -27.81
C PHE A 32 2.24 2.29 -26.79
N VAL A 33 1.46 1.22 -27.01
CA VAL A 33 0.40 0.86 -26.07
C VAL A 33 0.99 0.52 -24.70
N ILE A 34 2.20 -0.04 -24.67
CA ILE A 34 2.86 -0.29 -23.40
C ILE A 34 3.24 1.02 -22.71
N ILE A 35 3.68 2.02 -23.48
CA ILE A 35 4.13 3.25 -22.84
C ILE A 35 3.03 4.31 -22.70
N ARG A 36 1.95 4.19 -23.46
CA ARG A 36 0.83 5.12 -23.36
C ARG A 36 -0.32 4.60 -22.53
N TYR A 37 -0.19 3.42 -21.94
CA TYR A 37 -1.25 2.81 -21.14
C TYR A 37 -0.58 1.96 -20.06
N THR A 38 -1.35 1.03 -19.48
CA THR A 38 -0.80 0.11 -18.48
C THR A 38 0.25 -0.79 -19.13
N LYS A 39 1.46 -0.76 -18.57
CA LYS A 39 2.59 -1.44 -19.20
C LYS A 39 2.62 -2.92 -18.87
N MET A 40 2.77 -3.26 -17.58
CA MET A 40 2.96 -4.65 -17.18
C MET A 40 2.15 -5.00 -15.94
N LYS A 41 1.07 -4.27 -15.65
CA LYS A 41 0.23 -4.60 -14.50
C LYS A 41 -0.61 -5.86 -14.74
N THR A 42 -0.76 -6.28 -15.99
CA THR A 42 -1.55 -7.45 -16.34
C THR A 42 -0.71 -8.39 -17.19
N ALA A 43 -1.03 -9.69 -17.11
CA ALA A 43 -0.33 -10.69 -17.90
C ALA A 43 -0.61 -10.53 -19.40
N THR A 44 -1.84 -10.11 -19.73
CA THR A 44 -2.24 -9.99 -21.12
C THR A 44 -1.42 -8.93 -21.84
N ASN A 45 -1.06 -7.84 -21.14
CA ASN A 45 -0.27 -6.79 -21.75
C ASN A 45 1.12 -7.26 -22.13
N ILE A 46 1.79 -8.01 -21.25
CA ILE A 46 3.13 -8.45 -21.61
C ILE A 46 3.08 -9.59 -22.62
N TYR A 47 2.01 -10.40 -22.62
CA TYR A 47 1.84 -11.38 -23.70
C TYR A 47 1.70 -10.69 -25.05
N ILE A 48 0.92 -9.60 -25.09
CA ILE A 48 0.76 -8.81 -26.30
C ILE A 48 2.10 -8.19 -26.71
N PHE A 49 2.87 -7.73 -25.74
CA PHE A 49 4.16 -7.09 -26.04
C PHE A 49 5.16 -8.08 -26.64
N ASN A 50 5.27 -9.27 -26.05
CA ASN A 50 6.16 -10.29 -26.61
C ASN A 50 5.69 -10.75 -27.99
N LEU A 51 4.38 -10.90 -28.17
CA LEU A 51 3.86 -11.28 -29.49
C LEU A 51 4.16 -10.22 -30.53
N ALA A 52 4.01 -8.95 -30.17
CA ALA A 52 4.27 -7.86 -31.11
C ALA A 52 5.75 -7.80 -31.47
N LEU A 53 6.64 -7.99 -30.49
CA LEU A 53 8.07 -7.97 -30.76
C LEU A 53 8.46 -9.13 -31.67
N ALA A 54 7.91 -10.32 -31.40
CA ALA A 54 8.20 -11.48 -32.23
C ALA A 54 7.67 -11.29 -33.66
N ASP A 55 6.48 -10.71 -33.80
CA ASP A 55 5.92 -10.49 -35.13
C ASP A 55 6.70 -9.43 -35.91
N ALA A 56 7.19 -8.40 -35.21
CA ALA A 56 8.04 -7.40 -35.87
C ALA A 56 9.34 -8.02 -36.35
N LEU A 57 9.93 -8.90 -35.54
CA LEU A 57 11.17 -9.54 -35.96
C LEU A 57 10.93 -10.57 -37.08
N VAL A 58 9.75 -11.19 -37.13
CA VAL A 58 9.39 -11.97 -38.31
C VAL A 58 9.25 -11.06 -39.53
N THR A 59 8.65 -9.89 -39.36
CA THR A 59 8.43 -8.96 -40.47
C THR A 59 9.74 -8.39 -41.01
N THR A 60 10.79 -8.35 -40.19
CA THR A 60 12.06 -7.76 -40.61
C THR A 60 12.71 -8.51 -41.77
N THR A 61 12.45 -9.80 -41.93
CA THR A 61 13.14 -10.60 -42.96
C THR A 61 12.34 -10.71 -44.26
N MET A 62 11.66 -9.64 -44.65
CA MET A 62 10.92 -9.64 -45.92
C MET A 62 11.83 -9.54 -47.14
N PRO A 63 12.76 -8.58 -47.26
CA PRO A 63 13.56 -8.50 -48.49
C PRO A 63 14.49 -9.67 -48.69
N PHE A 64 14.86 -10.37 -47.61
CA PHE A 64 15.73 -11.53 -47.73
C PHE A 64 15.04 -12.73 -48.38
N GLN A 65 13.72 -12.71 -48.51
CA GLN A 65 12.99 -13.65 -49.35
C GLN A 65 12.52 -13.06 -50.66
N SER A 66 12.16 -11.76 -50.68
CA SER A 66 11.77 -11.15 -51.95
C SER A 66 12.93 -11.04 -52.93
N THR A 67 14.17 -10.93 -52.46
CA THR A 67 15.32 -10.95 -53.36
C THR A 67 15.59 -12.35 -53.90
N VAL A 68 15.43 -13.37 -53.06
CA VAL A 68 15.60 -14.76 -53.49
C VAL A 68 14.54 -15.12 -54.52
N TYR A 69 13.33 -14.61 -54.36
CA TYR A 69 12.31 -14.82 -55.39
C TYR A 69 12.63 -14.01 -56.65
N LEU A 70 12.98 -12.74 -56.50
CA LEU A 70 13.17 -11.86 -57.65
C LEU A 70 14.36 -12.29 -58.50
N MET A 71 15.45 -12.69 -57.87
CA MET A 71 16.59 -13.27 -58.56
C MET A 71 16.86 -14.64 -57.94
N ASN A 72 16.84 -15.67 -58.78
CA ASN A 72 16.73 -17.06 -58.31
C ASN A 72 18.07 -17.57 -57.76
N SER A 73 18.49 -16.94 -56.66
CA SER A 73 19.76 -17.23 -56.00
C SER A 73 19.79 -16.46 -54.69
N TRP A 74 20.71 -16.85 -53.81
CA TRP A 74 21.05 -16.07 -52.62
C TRP A 74 22.43 -15.48 -52.83
N PRO A 75 22.54 -14.21 -53.20
CA PRO A 75 23.85 -13.63 -53.54
C PRO A 75 24.60 -13.01 -52.37
N PHE A 76 24.19 -13.25 -51.13
CA PHE A 76 24.83 -12.65 -49.98
C PHE A 76 25.77 -13.66 -49.31
N GLY A 77 26.30 -13.29 -48.15
CA GLY A 77 27.29 -14.09 -47.48
C GLY A 77 26.71 -15.27 -46.73
N ASP A 78 27.61 -16.05 -46.13
CA ASP A 78 27.20 -17.22 -45.35
C ASP A 78 26.60 -16.80 -44.01
N VAL A 79 27.21 -15.79 -43.38
CA VAL A 79 26.76 -15.33 -42.07
C VAL A 79 25.39 -14.67 -42.18
N LEU A 80 25.12 -13.99 -43.31
CA LEU A 80 23.79 -13.43 -43.52
C LEU A 80 22.74 -14.52 -43.67
N CYS A 81 23.07 -15.59 -44.40
CA CYS A 81 22.18 -16.74 -44.52
C CYS A 81 21.88 -17.34 -43.15
N LYS A 82 22.92 -17.58 -42.34
CA LYS A 82 22.73 -18.16 -41.02
C LYS A 82 21.91 -17.26 -40.10
N ILE A 83 22.23 -15.96 -40.10
CA ILE A 83 21.57 -15.01 -39.20
C ILE A 83 20.10 -14.85 -39.57
N VAL A 84 19.81 -14.67 -40.87
CA VAL A 84 18.43 -14.47 -41.31
C VAL A 84 17.60 -15.72 -41.07
N LEU A 85 18.15 -16.90 -41.39
CA LEU A 85 17.39 -18.13 -41.19
C LEU A 85 17.14 -18.39 -39.71
N SER A 86 18.13 -18.11 -38.84
CA SER A 86 17.95 -18.31 -37.42
C SER A 86 16.93 -17.34 -36.83
N ILE A 87 16.97 -16.07 -37.26
CA ILE A 87 16.00 -15.07 -36.82
C ILE A 87 14.59 -15.50 -37.23
N ASP A 88 14.45 -15.98 -38.47
CA ASP A 88 13.16 -16.44 -38.99
C ASP A 88 12.60 -17.57 -38.14
N TYR A 89 13.39 -18.63 -37.92
CA TYR A 89 12.91 -19.78 -37.17
C TYR A 89 12.61 -19.41 -35.71
N TYR A 90 13.49 -18.62 -35.10
CA TYR A 90 13.36 -18.24 -33.71
C TYR A 90 12.08 -17.45 -33.47
N ASN A 91 11.87 -16.41 -34.24
CA ASN A 91 10.69 -15.57 -34.02
C ASN A 91 9.41 -16.21 -34.52
N MET A 92 9.50 -17.13 -35.49
CA MET A 92 8.33 -17.94 -35.86
C MET A 92 7.85 -18.78 -34.68
N PHE A 93 8.77 -19.52 -34.04
CA PHE A 93 8.40 -20.35 -32.91
C PHE A 93 7.93 -19.49 -31.73
N THR A 94 8.56 -18.32 -31.53
CA THR A 94 8.14 -17.42 -30.46
C THR A 94 6.71 -16.93 -30.67
N SER A 95 6.38 -16.54 -31.91
CA SER A 95 5.02 -16.07 -32.19
C SER A 95 3.99 -17.17 -31.97
N ILE A 96 4.29 -18.38 -32.45
CA ILE A 96 3.33 -19.48 -32.33
C ILE A 96 3.10 -19.83 -30.86
N PHE A 97 4.18 -19.91 -30.08
CA PHE A 97 4.03 -20.25 -28.66
C PHE A 97 3.38 -19.13 -27.87
N THR A 98 3.56 -17.86 -28.28
CA THR A 98 2.87 -16.78 -27.59
C THR A 98 1.37 -16.80 -27.85
N LEU A 99 0.96 -17.10 -29.09
CA LEU A 99 -0.46 -17.31 -29.38
C LEU A 99 -1.02 -18.43 -28.52
N THR A 100 -0.27 -19.54 -28.45
CA THR A 100 -0.69 -20.69 -27.66
C THR A 100 -0.88 -20.34 -26.19
N MET A 101 0.07 -19.59 -25.62
CA MET A 101 -0.06 -19.32 -24.19
C MET A 101 -1.09 -18.25 -23.89
N MET A 102 -1.38 -17.34 -24.82
CA MET A 102 -2.54 -16.46 -24.61
C MET A 102 -3.85 -17.24 -24.63
N SER A 103 -3.95 -18.24 -25.51
CA SER A 103 -5.14 -19.11 -25.49
C SER A 103 -5.26 -19.85 -24.17
N VAL A 104 -4.14 -20.40 -23.68
CA VAL A 104 -4.13 -21.11 -22.41
C VAL A 104 -4.48 -20.18 -21.24
N ASP A 105 -4.01 -18.93 -21.30
CA ASP A 105 -4.29 -17.96 -20.26
C ASP A 105 -5.78 -17.61 -20.21
N ARG A 106 -6.39 -17.40 -21.37
CA ARG A 106 -7.84 -17.14 -21.41
C ARG A 106 -8.62 -18.34 -20.89
N TYR A 107 -8.20 -19.55 -21.26
CA TYR A 107 -8.85 -20.76 -20.76
C TYR A 107 -8.74 -20.87 -19.24
N ILE A 108 -7.57 -20.54 -18.69
CA ILE A 108 -7.38 -20.63 -17.25
C ILE A 108 -8.21 -19.57 -16.54
N ALA A 109 -8.27 -18.36 -17.10
CA ALA A 109 -9.06 -17.29 -16.50
C ALA A 109 -10.54 -17.62 -16.49
N VAL A 110 -11.02 -18.39 -17.45
CA VAL A 110 -12.45 -18.69 -17.51
C VAL A 110 -12.80 -19.99 -16.80
N CYS A 111 -12.13 -21.09 -17.13
CA CYS A 111 -12.58 -22.41 -16.69
C CYS A 111 -11.98 -22.85 -15.36
N HIS A 112 -10.87 -22.26 -14.93
CA HIS A 112 -10.30 -22.52 -13.61
C HIS A 112 -10.06 -21.17 -12.93
N PRO A 113 -11.14 -20.47 -12.54
CA PRO A 113 -10.99 -19.07 -12.11
C PRO A 113 -10.43 -18.91 -10.70
N VAL A 114 -10.67 -19.91 -9.84
CA VAL A 114 -10.14 -19.85 -8.48
C VAL A 114 -8.62 -20.02 -8.49
N LYS A 115 -8.12 -20.97 -9.28
CA LYS A 115 -6.69 -21.12 -9.44
C LYS A 115 -6.08 -20.01 -10.30
N ALA A 116 -6.91 -19.31 -11.08
CA ALA A 116 -6.45 -18.14 -11.82
C ALA A 116 -6.16 -16.95 -10.91
N LEU A 117 -6.63 -16.99 -9.66
CA LEU A 117 -6.24 -15.97 -8.69
C LEU A 117 -4.76 -16.06 -8.33
N ASP A 118 -4.15 -17.24 -8.52
CA ASP A 118 -2.74 -17.47 -8.22
C ASP A 118 -1.88 -17.62 -9.47
N PHE A 119 -2.38 -18.29 -10.50
CA PHE A 119 -1.56 -18.56 -11.68
C PHE A 119 -1.37 -17.30 -12.52
N ARG A 120 -2.39 -16.45 -12.58
CA ARG A 120 -2.35 -15.30 -13.48
C ARG A 120 -1.70 -14.08 -12.84
N THR A 121 -0.50 -14.28 -12.30
CA THR A 121 0.44 -13.35 -11.70
C THR A 121 1.37 -12.82 -12.78
N PRO A 122 1.65 -11.51 -12.79
CA PRO A 122 2.62 -10.97 -13.77
C PRO A 122 4.00 -11.59 -13.68
N LEU A 123 4.45 -11.97 -12.48
CA LEU A 123 5.74 -12.65 -12.36
C LEU A 123 5.70 -14.03 -13.00
N LYS A 124 4.61 -14.78 -12.80
CA LYS A 124 4.48 -16.08 -13.43
C LYS A 124 4.40 -15.95 -14.94
N ALA A 125 3.68 -14.94 -15.44
CA ALA A 125 3.62 -14.71 -16.87
C ALA A 125 4.99 -14.33 -17.43
N LYS A 126 5.77 -13.57 -16.65
CA LYS A 126 7.12 -13.21 -17.06
C LYS A 126 8.03 -14.43 -17.16
N ILE A 127 7.96 -15.33 -16.16
CA ILE A 127 8.84 -16.49 -16.22
C ILE A 127 8.38 -17.46 -17.31
N ILE A 128 7.07 -17.54 -17.58
CA ILE A 128 6.60 -18.34 -18.71
C ILE A 128 7.07 -17.76 -20.05
N ASN A 129 7.02 -16.43 -20.19
CA ASN A 129 7.51 -15.81 -21.42
C ASN A 129 9.00 -16.03 -21.60
N ILE A 130 9.78 -15.93 -20.52
CA ILE A 130 11.21 -16.19 -20.58
C ILE A 130 11.47 -17.64 -20.97
N CYS A 131 10.68 -18.57 -20.42
CA CYS A 131 10.83 -19.98 -20.80
C CYS A 131 10.46 -20.21 -22.26
N ILE A 132 9.49 -19.46 -22.78
CA ILE A 132 9.10 -19.59 -24.18
C ILE A 132 10.23 -19.12 -25.11
N TRP A 133 10.82 -17.97 -24.79
CA TRP A 133 11.94 -17.47 -25.60
C TRP A 133 13.15 -18.40 -25.49
N LEU A 134 13.38 -18.97 -24.30
CA LEU A 134 14.48 -19.93 -24.15
C LEU A 134 14.22 -21.23 -24.91
N LEU A 135 12.96 -21.67 -24.99
CA LEU A 135 12.63 -22.85 -25.77
C LEU A 135 12.81 -22.60 -27.26
N SER A 136 12.44 -21.41 -27.73
CA SER A 136 12.68 -21.07 -29.13
C SER A 136 14.16 -20.86 -29.43
N SER A 137 14.96 -20.54 -28.40
CA SER A 137 16.41 -20.42 -28.58
C SER A 137 17.05 -21.73 -29.01
N SER A 138 16.42 -22.88 -28.71
CA SER A 138 16.89 -24.15 -29.23
C SER A 138 16.87 -24.17 -30.75
N VAL A 139 15.74 -23.79 -31.35
CA VAL A 139 15.63 -23.75 -32.80
C VAL A 139 16.53 -22.67 -33.38
N GLY A 140 16.64 -21.54 -32.69
CA GLY A 140 17.53 -20.47 -33.18
C GLY A 140 18.99 -20.88 -33.23
N ILE A 141 19.47 -21.50 -32.15
CA ILE A 141 20.88 -21.92 -32.09
C ILE A 141 21.13 -23.07 -33.06
N SER A 142 20.20 -24.04 -33.13
CA SER A 142 20.35 -25.14 -34.08
C SER A 142 20.28 -24.66 -35.52
N ALA A 143 19.60 -23.54 -35.78
CA ALA A 143 19.64 -22.93 -37.11
C ALA A 143 20.94 -22.18 -37.36
N ILE A 144 21.55 -21.64 -36.30
CA ILE A 144 22.87 -21.03 -36.43
C ILE A 144 23.93 -22.08 -36.80
N VAL A 145 23.95 -23.20 -36.06
CA VAL A 145 25.07 -24.13 -36.22
C VAL A 145 24.86 -25.03 -37.43
N LEU A 146 23.62 -25.41 -37.74
CA LEU A 146 23.32 -26.29 -38.87
C LEU A 146 22.55 -25.49 -39.91
N GLY A 147 23.28 -24.83 -40.81
CA GLY A 147 22.67 -24.09 -41.89
C GLY A 147 23.63 -23.90 -43.05
N GLY A 148 23.66 -22.70 -43.62
CA GLY A 148 24.69 -22.32 -44.55
C GLY A 148 24.17 -22.13 -45.96
N THR A 149 25.09 -21.71 -46.82
CA THR A 149 24.81 -21.42 -48.22
C THR A 149 25.51 -22.44 -49.11
N LYS A 150 24.74 -23.09 -49.98
CA LYS A 150 25.26 -24.05 -50.94
C LYS A 150 25.63 -23.35 -52.25
N VAL A 151 25.94 -24.13 -53.28
CA VAL A 151 26.30 -23.56 -54.59
C VAL A 151 25.95 -24.59 -55.64
N ARG A 152 25.72 -24.13 -56.86
CA ARG A 152 25.42 -25.03 -57.97
C ARG A 152 26.26 -24.68 -59.20
N ASP A 156 24.66 -21.23 -62.32
CA ASP A 156 25.22 -19.92 -62.01
C ASP A 156 24.43 -19.23 -60.91
N VAL A 157 23.96 -20.02 -59.95
CA VAL A 157 23.16 -19.52 -58.84
C VAL A 157 23.73 -20.03 -57.53
N ILE A 158 23.49 -19.28 -56.45
CA ILE A 158 24.00 -19.58 -55.13
C ILE A 158 22.80 -19.71 -54.19
N GLU A 159 22.75 -20.79 -53.40
CA GLU A 159 21.52 -21.18 -52.71
C GLU A 159 21.70 -21.24 -51.19
N CYS A 160 20.70 -20.74 -50.48
CA CYS A 160 20.64 -20.68 -49.01
C CYS A 160 19.55 -21.61 -48.51
N SER A 161 19.92 -22.55 -47.64
CA SER A 161 18.97 -23.54 -47.12
C SER A 161 19.52 -24.11 -45.82
N LEU A 162 18.94 -25.22 -45.38
CA LEU A 162 19.44 -25.99 -44.24
C LEU A 162 20.43 -27.04 -44.74
N GLN A 163 21.62 -26.55 -45.12
CA GLN A 163 22.66 -27.44 -45.62
C GLN A 163 23.23 -28.29 -44.49
N PHE A 164 23.44 -29.57 -44.77
CA PHE A 164 23.98 -30.49 -43.77
C PHE A 164 25.38 -30.95 -44.15
N SER A 170 18.99 -37.32 -48.67
CA SER A 170 19.37 -37.21 -47.27
C SER A 170 18.17 -37.38 -46.35
N TRP A 171 18.27 -38.33 -45.43
CA TRP A 171 17.20 -38.57 -44.47
C TRP A 171 17.23 -37.60 -43.30
N TRP A 172 18.34 -36.90 -43.09
CA TRP A 172 18.43 -35.96 -41.98
C TRP A 172 17.54 -34.73 -42.16
N ASP A 173 17.11 -34.42 -43.38
CA ASP A 173 16.20 -33.32 -43.63
C ASP A 173 14.73 -33.74 -43.57
N LEU A 174 14.45 -35.04 -43.46
CA LEU A 174 13.08 -35.48 -43.17
C LEU A 174 12.69 -35.07 -41.75
N PHE A 175 13.57 -35.36 -40.79
CA PHE A 175 13.51 -34.73 -39.49
C PHE A 175 13.98 -33.27 -39.61
N MET A 176 13.57 -32.46 -38.63
CA MET A 176 13.67 -31.00 -38.63
C MET A 176 12.80 -30.36 -39.72
N LYS A 177 12.01 -31.19 -40.41
CA LYS A 177 10.87 -30.78 -41.21
C LYS A 177 9.59 -31.37 -40.66
N ILE A 178 9.57 -32.69 -40.45
CA ILE A 178 8.48 -33.30 -39.69
C ILE A 178 8.51 -32.79 -38.25
N CYS A 179 9.67 -32.41 -37.74
CA CYS A 179 9.76 -31.90 -36.37
C CYS A 179 9.11 -30.52 -36.24
N VAL A 180 9.39 -29.62 -37.20
CA VAL A 180 8.77 -28.30 -37.12
C VAL A 180 7.28 -28.40 -37.44
N PHE A 181 6.88 -29.35 -38.31
CA PHE A 181 5.46 -29.60 -38.51
C PHE A 181 4.77 -30.07 -37.23
N ILE A 182 5.38 -31.00 -36.50
CA ILE A 182 4.73 -31.56 -35.32
C ILE A 182 4.71 -30.57 -34.17
N PHE A 183 5.84 -29.94 -33.89
CA PHE A 183 5.95 -29.08 -32.72
C PHE A 183 5.54 -27.64 -32.98
N ALA A 184 5.27 -27.26 -34.24
CA ALA A 184 4.91 -25.89 -34.54
C ALA A 184 3.53 -25.73 -35.16
N PHE A 185 2.91 -26.80 -35.66
CA PHE A 185 1.56 -26.70 -36.21
C PHE A 185 0.54 -27.50 -35.42
N VAL A 186 0.72 -28.81 -35.27
CA VAL A 186 -0.38 -29.68 -34.85
C VAL A 186 -0.68 -29.51 -33.37
N ILE A 187 0.34 -29.57 -32.52
CA ILE A 187 0.14 -29.42 -31.08
C ILE A 187 -0.43 -28.05 -30.70
N PRO A 188 0.12 -26.92 -31.19
CA PRO A 188 -0.55 -25.64 -30.87
C PRO A 188 -1.96 -25.52 -31.38
N VAL A 189 -2.26 -25.98 -32.61
CA VAL A 189 -3.63 -25.80 -33.12
C VAL A 189 -4.60 -26.68 -32.35
N LEU A 190 -4.19 -27.89 -31.97
CA LEU A 190 -5.06 -28.75 -31.19
C LEU A 190 -5.34 -28.17 -29.81
N ILE A 191 -4.31 -27.64 -29.14
CA ILE A 191 -4.60 -27.21 -27.78
C ILE A 191 -5.28 -25.84 -27.75
N ILE A 192 -5.05 -24.98 -28.76
CA ILE A 192 -5.85 -23.75 -28.82
C ILE A 192 -7.30 -24.06 -29.17
N ILE A 193 -7.55 -25.07 -30.01
CA ILE A 193 -8.93 -25.45 -30.32
C ILE A 193 -9.63 -25.99 -29.07
N VAL A 194 -8.95 -26.84 -28.30
CA VAL A 194 -9.54 -27.37 -27.07
C VAL A 194 -9.78 -26.25 -26.05
N CYS A 195 -8.80 -25.35 -25.88
CA CYS A 195 -8.93 -24.27 -24.91
C CYS A 195 -10.09 -23.34 -25.25
N TYR A 196 -10.20 -22.96 -26.52
CA TYR A 196 -11.30 -22.08 -26.93
C TYR A 196 -12.66 -22.78 -26.92
N THR A 197 -12.75 -24.05 -27.30
CA THR A 197 -14.05 -24.70 -27.25
C THR A 197 -14.52 -24.92 -25.81
N LEU A 198 -13.60 -25.21 -24.88
CA LEU A 198 -13.98 -25.31 -23.49
C LEU A 198 -14.34 -23.95 -22.91
N MET A 199 -13.66 -22.89 -23.35
CA MET A 199 -14.00 -21.55 -22.90
C MET A 199 -15.40 -21.14 -23.35
N ILE A 200 -15.74 -21.44 -24.60
CA ILE A 200 -17.07 -21.10 -25.12
C ILE A 200 -18.14 -21.94 -24.42
N LEU A 201 -17.86 -23.22 -24.17
CA LEU A 201 -18.80 -24.07 -23.45
C LEU A 201 -18.99 -23.60 -22.01
N ARG A 202 -17.96 -23.00 -21.40
CA ARG A 202 -18.14 -22.43 -20.07
C ARG A 202 -18.95 -21.14 -20.11
N LEU A 203 -18.64 -20.24 -21.06
CA LEU A 203 -19.39 -18.99 -21.18
C LEU A 203 -20.83 -19.18 -21.63
N LYS A 204 -21.19 -20.36 -22.14
CA LYS A 204 -22.58 -20.62 -22.48
C LYS A 204 -23.51 -20.60 -21.28
N SER A 205 -22.99 -20.83 -20.07
CA SER A 205 -23.80 -20.92 -18.86
C SER A 205 -23.36 -19.91 -17.81
N VAL A 206 -23.10 -18.67 -18.24
CA VAL A 206 -22.65 -17.60 -17.36
C VAL A 206 -23.61 -16.43 -17.49
N ARG A 207 -24.12 -15.94 -16.37
CA ARG A 207 -24.98 -14.76 -16.36
C ARG A 207 -24.17 -13.52 -16.73
N LEU A 208 -24.90 -12.47 -17.12
CA LEU A 208 -24.43 -11.29 -17.86
C LEU A 208 -23.92 -11.63 -19.25
N LEU A 209 -24.10 -12.87 -19.69
CA LEU A 209 -23.83 -13.26 -21.08
C LEU A 209 -24.92 -14.16 -21.65
N SER A 210 -25.81 -14.70 -20.84
CA SER A 210 -26.90 -15.56 -21.28
C SER A 210 -28.22 -15.09 -20.66
N GLY A 211 -28.47 -13.79 -20.72
CA GLY A 211 -29.70 -13.24 -20.20
C GLY A 211 -30.63 -12.76 -21.30
N SER A 212 -30.65 -11.46 -21.54
CA SER A 212 -31.44 -10.88 -22.62
C SER A 212 -30.71 -9.63 -23.13
N ARG A 213 -31.37 -8.91 -24.03
CA ARG A 213 -30.89 -7.66 -24.63
C ARG A 213 -29.56 -7.82 -25.35
N GLU A 214 -28.47 -7.34 -24.74
CA GLU A 214 -27.16 -7.31 -25.37
C GLU A 214 -26.21 -8.36 -24.82
N LYS A 215 -26.64 -9.16 -23.84
CA LYS A 215 -25.76 -10.17 -23.24
C LYS A 215 -25.44 -11.28 -24.24
N ASP A 216 -26.45 -11.77 -24.96
CA ASP A 216 -26.22 -12.74 -26.00
C ASP A 216 -25.42 -12.16 -27.15
N ARG A 217 -25.58 -10.86 -27.41
CA ARG A 217 -24.76 -10.19 -28.43
C ARG A 217 -23.29 -10.19 -28.04
N ASN A 218 -23.01 -9.89 -26.76
CA ASN A 218 -21.62 -9.95 -26.29
C ASN A 218 -21.06 -11.36 -26.34
N LEU A 219 -21.87 -12.35 -25.97
CA LEU A 219 -21.45 -13.75 -26.05
C LEU A 219 -21.13 -14.15 -27.49
N ARG A 220 -21.98 -13.76 -28.44
CA ARG A 220 -21.73 -14.08 -29.84
C ARG A 220 -20.53 -13.32 -30.40
N ARG A 221 -20.28 -12.12 -29.89
CA ARG A 221 -19.06 -11.40 -30.27
C ARG A 221 -17.81 -12.15 -29.80
N ILE A 222 -17.84 -12.67 -28.58
CA ILE A 222 -16.72 -13.46 -28.06
C ILE A 222 -16.52 -14.72 -28.90
N THR A 223 -17.62 -15.39 -29.25
CA THR A 223 -17.54 -16.58 -30.09
C THR A 223 -16.98 -16.26 -31.48
N ARG A 224 -17.37 -15.11 -32.04
CA ARG A 224 -16.85 -14.69 -33.33
C ARG A 224 -15.36 -14.41 -33.27
N LEU A 225 -14.88 -13.80 -32.18
CA LEU A 225 -13.45 -13.59 -32.01
C LEU A 225 -12.69 -14.91 -31.94
N VAL A 226 -13.22 -15.88 -31.19
CA VAL A 226 -12.61 -17.21 -31.12
C VAL A 226 -12.52 -17.85 -32.50
N LEU A 227 -13.63 -17.84 -33.24
CA LEU A 227 -13.65 -18.46 -34.55
C LEU A 227 -12.69 -17.77 -35.52
N VAL A 228 -12.61 -16.44 -35.46
CA VAL A 228 -11.76 -15.75 -36.43
C VAL A 228 -10.28 -15.96 -36.11
N VAL A 229 -9.90 -16.05 -34.82
CA VAL A 229 -8.47 -16.27 -34.55
C VAL A 229 -8.06 -17.68 -34.93
N VAL A 230 -8.93 -18.69 -34.67
CA VAL A 230 -8.63 -20.05 -35.09
C VAL A 230 -8.54 -20.15 -36.62
N ALA A 231 -9.49 -19.50 -37.32
CA ALA A 231 -9.51 -19.55 -38.77
C ALA A 231 -8.28 -18.86 -39.38
N VAL A 232 -7.88 -17.71 -38.84
CA VAL A 232 -6.71 -17.02 -39.35
C VAL A 232 -5.46 -17.87 -39.16
N PHE A 233 -5.32 -18.50 -38.00
CA PHE A 233 -4.16 -19.35 -37.75
C PHE A 233 -4.11 -20.52 -38.74
N VAL A 234 -5.24 -21.19 -38.96
CA VAL A 234 -5.19 -22.38 -39.80
C VAL A 234 -4.97 -22.02 -41.26
N VAL A 235 -5.63 -20.96 -41.75
CA VAL A 235 -5.48 -20.61 -43.15
C VAL A 235 -4.11 -19.98 -43.43
N CYS A 236 -3.47 -19.40 -42.42
CA CYS A 236 -2.17 -18.77 -42.62
C CYS A 236 -1.00 -19.62 -42.18
N TRP A 237 -1.24 -20.84 -41.67
CA TRP A 237 -0.12 -21.75 -41.45
C TRP A 237 -0.35 -23.17 -41.98
N THR A 238 -1.43 -23.43 -42.71
CA THR A 238 -1.50 -24.77 -43.32
C THR A 238 -0.74 -24.92 -44.64
N PRO A 239 -0.90 -24.04 -45.66
CA PRO A 239 -0.27 -24.34 -46.97
C PRO A 239 1.24 -24.40 -46.96
N ILE A 240 1.88 -23.63 -46.06
CA ILE A 240 3.34 -23.65 -45.94
C ILE A 240 3.81 -25.04 -45.56
N HIS A 241 3.15 -25.60 -44.53
CA HIS A 241 3.51 -26.93 -44.03
C HIS A 241 3.17 -28.02 -45.04
N ILE A 242 2.03 -27.88 -45.75
CA ILE A 242 1.66 -28.86 -46.76
C ILE A 242 2.68 -28.89 -47.89
N PHE A 243 3.07 -27.71 -48.39
CA PHE A 243 4.07 -27.66 -49.45
C PHE A 243 5.41 -28.19 -48.98
N ILE A 244 5.80 -27.87 -47.75
CA ILE A 244 7.09 -28.32 -47.22
C ILE A 244 7.13 -29.85 -47.13
N LEU A 245 6.06 -30.45 -46.63
CA LEU A 245 6.00 -31.91 -46.53
C LEU A 245 5.96 -32.58 -47.91
N VAL A 246 5.12 -32.08 -48.82
CA VAL A 246 5.02 -32.73 -50.13
C VAL A 246 6.20 -32.44 -51.04
N GLU A 247 7.05 -31.47 -50.72
CA GLU A 247 8.29 -31.29 -51.46
C GLU A 247 9.47 -31.96 -50.80
N ALA A 248 9.41 -32.23 -49.50
CA ALA A 248 10.44 -33.04 -48.86
C ALA A 248 10.25 -34.52 -49.16
N LEU A 249 9.00 -34.96 -49.36
CA LEU A 249 8.73 -36.36 -49.66
C LEU A 249 8.68 -36.61 -51.17
N GLY A 250 7.78 -35.93 -51.86
CA GLY A 250 7.60 -36.14 -53.29
C GLY A 250 8.67 -35.44 -54.11
N SER A 251 8.51 -35.56 -55.42
CA SER A 251 9.43 -34.93 -56.36
C SER A 251 8.68 -34.32 -57.54
N THR A 256 8.61 -24.76 -62.57
CA THR A 256 8.42 -23.32 -62.67
C THR A 256 7.36 -22.85 -61.70
N ALA A 257 6.23 -23.57 -61.67
CA ALA A 257 5.13 -23.20 -60.79
C ALA A 257 5.40 -23.51 -59.33
N ALA A 258 6.41 -24.33 -59.04
CA ALA A 258 6.69 -24.72 -57.66
C ALA A 258 7.16 -23.53 -56.84
N LEU A 259 8.08 -22.73 -57.37
CA LEU A 259 8.56 -21.55 -56.64
C LEU A 259 7.46 -20.50 -56.50
N SER A 260 6.61 -20.35 -57.53
CA SER A 260 5.51 -19.40 -57.47
C SER A 260 4.51 -19.77 -56.39
N SER A 261 4.08 -21.04 -56.36
CA SER A 261 3.15 -21.48 -55.33
C SER A 261 3.78 -21.46 -53.94
N TYR A 262 5.06 -21.82 -53.83
CA TYR A 262 5.75 -21.79 -52.54
C TYR A 262 5.85 -20.37 -52.00
N TYR A 263 6.07 -19.40 -52.87
CA TYR A 263 6.16 -18.02 -52.43
C TYR A 263 4.80 -17.35 -52.29
N PHE A 264 3.72 -17.95 -52.79
CA PHE A 264 2.41 -17.53 -52.31
C PHE A 264 2.13 -18.07 -50.91
N CYS A 265 2.56 -19.30 -50.65
CA CYS A 265 2.34 -19.90 -49.34
C CYS A 265 3.07 -19.14 -48.24
N ILE A 266 4.37 -18.91 -48.41
CA ILE A 266 5.10 -18.19 -47.37
C ILE A 266 4.69 -16.71 -47.31
N ALA A 267 4.11 -16.18 -48.39
CA ALA A 267 3.45 -14.88 -48.31
C ALA A 267 2.26 -14.93 -47.35
N LEU A 268 1.48 -16.02 -47.39
CA LEU A 268 0.40 -16.16 -46.41
C LEU A 268 0.95 -16.34 -44.99
N GLY A 269 2.10 -17.00 -44.87
CA GLY A 269 2.76 -17.07 -43.58
C GLY A 269 3.16 -15.71 -43.04
N TYR A 270 3.56 -14.79 -43.93
CA TYR A 270 3.78 -13.40 -43.52
C TYR A 270 2.46 -12.67 -43.25
N THR A 271 1.40 -13.05 -43.96
CA THR A 271 0.09 -12.43 -43.75
C THR A 271 -0.42 -12.72 -42.33
N ASN A 272 -0.03 -13.87 -41.76
CA ASN A 272 -0.33 -14.11 -40.35
C ASN A 272 0.34 -13.07 -39.45
N SER A 273 1.62 -12.77 -39.71
CA SER A 273 2.32 -11.78 -38.89
C SER A 273 1.72 -10.39 -39.07
N SER A 274 1.16 -10.11 -40.25
CA SER A 274 0.45 -8.86 -40.43
C SER A 274 -0.85 -8.82 -39.63
N LEU A 275 -1.66 -9.87 -39.72
CA LEU A 275 -3.00 -9.84 -39.14
C LEU A 275 -3.02 -10.18 -37.65
N ASN A 276 -1.93 -10.70 -37.10
CA ASN A 276 -1.92 -11.16 -35.72
C ASN A 276 -2.05 -10.01 -34.70
N PRO A 277 -1.26 -8.91 -34.76
CA PRO A 277 -1.46 -7.85 -33.77
C PRO A 277 -2.80 -7.17 -33.87
N ILE A 278 -3.43 -7.17 -35.06
CA ILE A 278 -4.81 -6.68 -35.18
C ILE A 278 -5.74 -7.46 -34.27
N LEU A 279 -5.81 -8.78 -34.49
CA LEU A 279 -6.74 -9.64 -33.75
C LEU A 279 -6.42 -9.69 -32.26
N TYR A 280 -5.15 -9.56 -31.88
CA TYR A 280 -4.80 -9.74 -30.48
C TYR A 280 -4.53 -8.43 -29.74
N ALA A 281 -4.62 -7.28 -30.41
CA ALA A 281 -4.48 -6.00 -29.74
C ALA A 281 -5.68 -5.09 -29.94
N PHE A 282 -6.13 -4.89 -31.18
CA PHE A 282 -7.14 -3.89 -31.43
C PHE A 282 -8.54 -4.36 -31.03
N LEU A 283 -8.77 -5.67 -31.04
CA LEU A 283 -10.05 -6.22 -30.60
C LEU A 283 -10.10 -6.43 -29.09
N ASP A 284 -8.99 -6.18 -28.40
CA ASP A 284 -8.97 -6.25 -26.95
C ASP A 284 -9.61 -5.00 -26.37
N GLU A 285 -10.54 -5.19 -25.43
CA GLU A 285 -11.30 -4.08 -24.86
C GLU A 285 -10.60 -3.40 -23.70
N ASN A 286 -9.42 -3.87 -23.30
CA ASN A 286 -8.69 -3.29 -22.18
C ASN A 286 -7.71 -2.22 -22.60
N PHE A 287 -7.61 -1.90 -23.89
CA PHE A 287 -6.67 -0.87 -24.30
C PHE A 287 -7.17 0.53 -23.94
N LYS A 288 -8.47 0.77 -24.09
CA LYS A 288 -9.04 2.07 -23.75
C LYS A 288 -10.39 1.91 -23.08
N VAL B 5 26.75 6.44 1.93
CA VAL B 5 25.84 5.74 2.83
C VAL B 5 26.63 5.02 3.93
N SER B 6 26.23 5.25 5.18
CA SER B 6 26.95 4.71 6.33
C SER B 6 26.54 3.26 6.58
N ALA B 7 27.24 2.63 7.53
CA ALA B 7 26.99 1.22 7.83
C ALA B 7 25.61 1.02 8.43
N GLU B 8 25.21 1.89 9.37
CA GLU B 8 23.90 1.75 9.98
C GLU B 8 22.79 2.13 9.01
N ASP B 9 23.06 3.06 8.09
CA ASP B 9 22.09 3.36 7.04
C ASP B 9 21.92 2.19 6.08
N LYS B 10 23.02 1.49 5.76
CA LYS B 10 22.94 0.29 4.94
C LYS B 10 22.12 -0.80 5.62
N ALA B 11 22.34 -1.00 6.92
CA ALA B 11 21.55 -2.00 7.65
C ALA B 11 20.08 -1.59 7.77
N ALA B 12 19.81 -0.29 7.91
CA ALA B 12 18.42 0.18 7.91
C ALA B 12 17.75 -0.06 6.56
N ALA B 13 18.48 0.16 5.47
CA ALA B 13 17.94 -0.13 4.14
C ALA B 13 17.69 -1.63 3.97
N GLU B 14 18.55 -2.46 4.54
CA GLU B 14 18.33 -3.91 4.49
C GLU B 14 17.08 -4.31 5.26
N ARG B 15 16.86 -3.70 6.43
CA ARG B 15 15.62 -3.95 7.17
C ARG B 15 14.40 -3.48 6.37
N SER B 16 14.52 -2.35 5.67
CA SER B 16 13.42 -1.88 4.84
C SER B 16 13.11 -2.85 3.71
N LYS B 17 14.14 -3.44 3.10
CA LYS B 17 13.92 -4.46 2.07
C LYS B 17 13.24 -5.70 2.64
N MET B 18 13.63 -6.11 3.85
CA MET B 18 12.97 -7.25 4.49
C MET B 18 11.50 -6.95 4.78
N ILE B 19 11.20 -5.71 5.19
CA ILE B 19 9.82 -5.32 5.44
C ILE B 19 9.04 -5.30 4.12
N ASP B 20 9.68 -4.89 3.03
CA ASP B 20 9.04 -4.94 1.71
C ASP B 20 8.69 -6.37 1.31
N LYS B 21 9.61 -7.31 1.56
CA LYS B 21 9.35 -8.72 1.27
C LYS B 21 8.18 -9.26 2.09
N ASN B 22 8.15 -8.92 3.39
CA ASN B 22 7.07 -9.37 4.25
C ASN B 22 5.74 -8.76 3.81
N LEU B 23 5.75 -7.49 3.39
CA LEU B 23 4.54 -6.84 2.92
C LEU B 23 4.01 -7.47 1.64
N ARG B 24 4.89 -7.84 0.71
CA ARG B 24 4.45 -8.54 -0.50
C ARG B 24 3.88 -9.91 -0.17
N GLU B 25 4.53 -10.63 0.75
CA GLU B 25 4.03 -11.96 1.14
C GLU B 25 2.68 -11.88 1.83
N ASP B 26 2.43 -10.82 2.61
CA ASP B 26 1.11 -10.63 3.19
C ASP B 26 0.08 -10.18 2.15
N GLY B 27 0.53 -9.38 1.17
CA GLY B 27 -0.38 -8.88 0.16
C GLY B 27 -0.90 -9.97 -0.76
N GLU B 28 -0.06 -10.95 -1.10
CA GLU B 28 -0.54 -12.08 -1.90
C GLU B 28 -1.61 -12.88 -1.16
N LYS B 29 -1.38 -13.12 0.14
CA LYS B 29 -2.34 -13.86 0.95
C LYS B 29 -3.64 -13.08 1.14
N GLN B 30 -3.58 -11.75 1.23
CA GLN B 30 -4.82 -10.99 1.30
C GLN B 30 -5.46 -10.81 -0.07
N ARG B 31 -4.70 -11.05 -1.16
CA ARG B 31 -5.25 -11.00 -2.49
C ARG B 31 -5.94 -12.29 -2.90
N ARG B 32 -5.59 -13.42 -2.27
CA ARG B 32 -6.30 -14.66 -2.60
C ARG B 32 -7.62 -14.80 -1.85
N GLU B 33 -8.00 -13.86 -1.00
CA GLU B 33 -9.23 -13.92 -0.22
C GLU B 33 -10.36 -13.16 -0.91
N ILE B 34 -11.58 -13.39 -0.42
CA ILE B 34 -12.80 -12.82 -1.01
C ILE B 34 -13.58 -12.15 0.10
N LYS B 35 -13.88 -10.85 -0.09
CA LYS B 35 -14.58 -10.06 0.91
C LYS B 35 -16.04 -9.85 0.50
N LEU B 36 -16.96 -10.22 1.40
CA LEU B 36 -18.38 -10.03 1.21
C LEU B 36 -18.96 -9.33 2.44
N LEU B 37 -19.95 -8.48 2.24
CA LEU B 37 -20.56 -7.74 3.34
C LEU B 37 -22.01 -8.17 3.53
N LEU B 38 -22.35 -8.55 4.75
CA LEU B 38 -23.73 -8.78 5.14
C LEU B 38 -24.38 -7.45 5.45
N LEU B 39 -25.50 -7.15 4.77
CA LEU B 39 -26.07 -5.82 4.88
C LEU B 39 -27.60 -5.89 4.94
N GLY B 40 -28.12 -6.93 5.60
CA GLY B 40 -29.54 -7.03 5.84
C GLY B 40 -29.95 -6.26 7.07
N THR B 41 -30.61 -6.92 8.01
CA THR B 41 -31.06 -6.25 9.23
C THR B 41 -30.98 -7.21 10.40
N SER B 42 -31.06 -6.66 11.61
CA SER B 42 -31.11 -7.48 12.81
C SER B 42 -32.43 -8.24 12.90
N ASN B 43 -33.48 -7.71 12.27
CA ASN B 43 -34.76 -8.39 12.16
C ASN B 43 -34.90 -9.13 10.84
N SER B 44 -33.79 -9.51 10.22
CA SER B 44 -33.79 -10.17 8.92
C SER B 44 -33.16 -11.56 8.94
N GLY B 45 -32.06 -11.75 9.66
CA GLY B 45 -31.41 -13.04 9.69
C GLY B 45 -29.96 -13.02 9.28
N LYS B 46 -29.29 -11.88 9.47
CA LYS B 46 -27.86 -11.80 9.19
C LYS B 46 -27.05 -12.74 10.08
N ASN B 47 -27.40 -12.80 11.36
CA ASN B 47 -26.63 -13.61 12.30
C ASN B 47 -26.85 -15.10 12.10
N THR B 48 -28.04 -15.48 11.63
CA THR B 48 -28.34 -16.90 11.42
C THR B 48 -27.58 -17.44 10.22
N ILE B 49 -27.40 -16.63 9.17
CA ILE B 49 -26.69 -17.08 7.97
C ILE B 49 -25.22 -17.33 8.28
N VAL B 50 -24.58 -16.42 9.01
CA VAL B 50 -23.15 -16.55 9.30
C VAL B 50 -22.89 -17.73 10.22
N LYS B 51 -23.80 -17.99 11.16
CA LYS B 51 -23.63 -19.12 12.07
C LYS B 51 -24.03 -20.45 11.46
N GLN B 52 -24.75 -20.44 10.34
CA GLN B 52 -25.16 -21.69 9.71
C GLN B 52 -24.05 -22.32 8.87
N MET B 53 -22.95 -21.60 8.65
CA MET B 53 -21.85 -22.12 7.84
C MET B 53 -21.13 -23.27 8.52
N LYS B 54 -21.25 -23.41 9.84
CA LYS B 54 -20.62 -24.50 10.57
C LYS B 54 -21.64 -25.58 10.90
N THR B 183 -22.26 -2.29 19.32
CA THR B 183 -21.12 -3.00 19.87
C THR B 183 -19.86 -2.75 19.04
N GLY B 184 -19.92 -3.13 17.76
CA GLY B 184 -18.79 -2.95 16.88
C GLY B 184 -18.93 -3.80 15.65
N ILE B 185 -17.92 -3.72 14.80
CA ILE B 185 -17.89 -4.51 13.57
C ILE B 185 -17.55 -5.95 13.92
N VAL B 186 -18.07 -6.89 13.13
CA VAL B 186 -17.74 -8.30 13.25
C VAL B 186 -17.38 -8.82 11.87
N GLU B 187 -16.44 -9.76 11.83
CA GLU B 187 -15.80 -10.18 10.59
C GLU B 187 -15.38 -11.63 10.73
N ASN B 188 -15.95 -12.50 9.91
CA ASN B 188 -15.76 -13.94 10.02
C ASN B 188 -15.03 -14.48 8.80
N LYS B 189 -14.15 -15.45 9.04
CA LYS B 189 -13.33 -16.06 8.00
C LYS B 189 -13.58 -17.57 7.98
N PHE B 190 -13.85 -18.09 6.80
CA PHE B 190 -14.00 -19.54 6.61
C PHE B 190 -13.77 -19.88 5.15
N THR B 191 -13.09 -20.99 4.91
CA THR B 191 -12.68 -21.40 3.58
C THR B 191 -13.57 -22.54 3.10
N PHE B 192 -14.11 -22.39 1.89
CA PHE B 192 -15.01 -23.39 1.30
C PHE B 192 -14.52 -23.70 -0.11
N LYS B 193 -13.99 -24.91 -0.30
CA LYS B 193 -13.47 -25.40 -1.58
C LYS B 193 -12.39 -24.48 -2.15
N GLU B 194 -11.33 -24.31 -1.36
CA GLU B 194 -10.13 -23.56 -1.73
C GLU B 194 -10.45 -22.10 -2.05
N LEU B 195 -11.43 -21.54 -1.36
CA LEU B 195 -11.80 -20.14 -1.51
C LEU B 195 -12.08 -19.57 -0.13
N THR B 196 -11.19 -18.70 0.35
CA THR B 196 -11.33 -18.11 1.66
C THR B 196 -12.27 -16.91 1.59
N PHE B 197 -13.28 -16.90 2.46
CA PHE B 197 -14.30 -15.86 2.47
C PHE B 197 -14.11 -14.94 3.66
N LYS B 198 -14.18 -13.64 3.41
CA LYS B 198 -14.00 -12.60 4.42
C LYS B 198 -15.36 -11.93 4.58
N MET B 199 -16.20 -12.50 5.44
CA MET B 199 -17.59 -12.06 5.57
C MET B 199 -17.68 -11.00 6.66
N VAL B 200 -18.03 -9.79 6.27
CA VAL B 200 -18.04 -8.63 7.15
C VAL B 200 -19.47 -8.24 7.43
N ASP B 201 -19.79 -7.99 8.71
CA ASP B 201 -21.12 -7.55 9.10
C ASP B 201 -20.99 -6.24 9.87
N VAL B 202 -21.83 -5.28 9.51
CA VAL B 202 -21.74 -3.92 10.05
C VAL B 202 -23.06 -3.54 10.70
N GLY B 203 -23.77 -4.52 11.27
CA GLY B 203 -25.09 -4.29 11.80
C GLY B 203 -25.13 -3.52 13.11
N ALA B 204 -23.99 -3.31 13.76
CA ALA B 204 -23.92 -2.60 15.02
C ALA B 204 -23.46 -1.16 14.86
N GLN B 205 -23.84 -0.50 13.76
CA GLN B 205 -23.44 0.87 13.47
C GLN B 205 -24.69 1.76 13.50
N ARG B 206 -24.84 2.53 14.56
CA ARG B 206 -25.92 3.51 14.66
C ARG B 206 -25.43 4.89 14.21
N SER B 207 -24.94 4.94 12.97
CA SER B 207 -24.38 6.16 12.41
C SER B 207 -24.83 6.27 10.96
N GLU B 208 -24.41 7.36 10.31
CA GLU B 208 -24.78 7.58 8.92
C GLU B 208 -24.04 6.60 8.01
N ARG B 209 -24.80 5.94 7.13
CA ARG B 209 -24.20 4.92 6.27
C ARG B 209 -23.29 5.53 5.22
N LYS B 210 -23.58 6.75 4.78
CA LYS B 210 -22.84 7.38 3.68
C LYS B 210 -21.41 7.73 4.04
N LYS B 211 -21.04 7.69 5.32
CA LYS B 211 -19.70 8.06 5.74
C LYS B 211 -18.77 6.86 5.92
N TRP B 212 -19.27 5.63 5.82
CA TRP B 212 -18.42 4.46 5.90
C TRP B 212 -18.68 3.42 4.82
N ILE B 213 -19.75 3.56 4.03
CA ILE B 213 -20.04 2.60 2.97
C ILE B 213 -19.03 2.67 1.84
N HIS B 214 -18.25 3.75 1.75
CA HIS B 214 -17.16 3.81 0.79
C HIS B 214 -15.97 2.95 1.21
N CYS B 215 -15.96 2.44 2.44
CA CYS B 215 -14.92 1.50 2.86
C CYS B 215 -15.09 0.13 2.22
N PHE B 216 -16.20 -0.12 1.56
CA PHE B 216 -16.51 -1.37 0.90
C PHE B 216 -16.73 -1.16 -0.58
N GLU B 217 -15.95 -0.27 -1.18
CA GLU B 217 -16.10 0.05 -2.60
C GLU B 217 -15.71 -1.13 -3.48
N GLY B 218 -14.66 -1.86 -3.11
CA GLY B 218 -14.17 -2.94 -3.94
C GLY B 218 -14.39 -4.32 -3.37
N VAL B 219 -15.55 -4.56 -2.77
CA VAL B 219 -15.89 -5.89 -2.27
C VAL B 219 -16.25 -6.78 -3.45
N THR B 220 -16.28 -8.09 -3.22
CA THR B 220 -16.63 -9.00 -4.31
C THR B 220 -18.15 -9.03 -4.53
N ALA B 221 -18.92 -9.23 -3.48
CA ALA B 221 -20.36 -9.31 -3.60
C ALA B 221 -21.01 -8.79 -2.32
N ILE B 222 -22.28 -8.40 -2.45
CA ILE B 222 -23.09 -7.95 -1.32
C ILE B 222 -24.08 -9.04 -1.00
N ILE B 223 -24.16 -9.41 0.27
CA ILE B 223 -25.15 -10.37 0.75
C ILE B 223 -26.22 -9.60 1.53
N PHE B 224 -27.46 -9.69 1.07
CA PHE B 224 -28.57 -8.93 1.62
C PHE B 224 -29.62 -9.91 2.12
N CYS B 225 -29.93 -9.83 3.41
CA CYS B 225 -30.87 -10.75 4.05
C CYS B 225 -32.21 -10.08 4.25
N VAL B 226 -33.29 -10.77 3.89
CA VAL B 226 -34.64 -10.24 3.97
C VAL B 226 -35.54 -11.29 4.62
N GLU B 227 -36.29 -10.87 5.63
CA GLU B 227 -37.23 -11.75 6.30
C GLU B 227 -38.57 -11.72 5.58
N LEU B 228 -39.04 -12.89 5.15
CA LEU B 228 -40.35 -12.97 4.51
C LEU B 228 -41.48 -12.77 5.51
N SER B 229 -41.24 -13.11 6.77
CA SER B 229 -42.20 -12.87 7.85
C SER B 229 -41.98 -11.47 8.44
N GLY B 230 -42.20 -10.46 7.60
CA GLY B 230 -41.97 -9.10 8.04
C GLY B 230 -43.08 -8.12 7.70
N TYR B 231 -44.00 -8.53 6.84
CA TYR B 231 -45.11 -7.65 6.47
C TYR B 231 -46.13 -7.54 7.60
N ASP B 232 -46.38 -8.64 8.31
CA ASP B 232 -47.34 -8.65 9.41
C ASP B 232 -46.69 -8.68 10.78
N LEU B 233 -45.36 -8.83 10.85
CA LEU B 233 -44.61 -8.68 12.09
C LEU B 233 -44.29 -7.22 12.33
N GLN B 234 -43.29 -6.95 13.20
CA GLN B 234 -42.90 -5.63 13.68
C GLN B 234 -42.87 -4.55 12.60
N THR B 235 -43.22 -3.33 12.98
CA THR B 235 -43.72 -2.31 12.06
C THR B 235 -42.70 -1.93 11.00
N SER B 236 -43.16 -1.88 9.74
CA SER B 236 -42.40 -1.39 8.59
C SER B 236 -41.13 -2.20 8.34
N ARG B 237 -41.18 -3.50 8.64
CA ARG B 237 -40.04 -4.36 8.34
C ARG B 237 -39.85 -4.54 6.84
N MET B 238 -40.94 -4.82 6.12
CA MET B 238 -40.84 -5.00 4.67
C MET B 238 -40.52 -3.68 3.97
N ALA B 239 -41.13 -2.58 4.42
CA ALA B 239 -40.82 -1.27 3.85
C ALA B 239 -39.37 -0.89 4.10
N ALA B 240 -38.86 -1.19 5.31
CA ALA B 240 -37.45 -0.94 5.60
C ALA B 240 -36.55 -1.80 4.74
N SER B 241 -36.95 -3.05 4.48
CA SER B 241 -36.15 -3.94 3.65
C SER B 241 -36.04 -3.42 2.21
N LEU B 242 -37.18 -3.06 1.61
CA LEU B 242 -37.13 -2.50 0.26
C LEU B 242 -36.43 -1.15 0.21
N LYS B 243 -36.58 -0.31 1.25
CA LYS B 243 -35.90 0.98 1.26
C LYS B 243 -34.38 0.80 1.36
N LEU B 244 -33.93 -0.11 2.21
CA LEU B 244 -32.49 -0.38 2.32
C LEU B 244 -31.95 -0.99 1.03
N PHE B 245 -32.73 -1.88 0.40
CA PHE B 245 -32.29 -2.46 -0.88
C PHE B 245 -32.19 -1.42 -1.97
N ASP B 246 -33.16 -0.50 -2.04
CA ASP B 246 -33.10 0.57 -3.02
C ASP B 246 -31.96 1.54 -2.72
N SER B 247 -31.59 1.68 -1.45
CA SER B 247 -30.44 2.51 -1.11
C SER B 247 -29.14 1.85 -1.55
N ILE B 248 -29.00 0.55 -1.34
CA ILE B 248 -27.73 -0.13 -1.60
C ILE B 248 -27.57 -0.53 -3.06
N CYS B 249 -28.62 -1.09 -3.68
CA CYS B 249 -28.50 -1.56 -5.06
C CYS B 249 -28.28 -0.40 -6.03
N ASN B 250 -28.79 0.78 -5.71
CA ASN B 250 -28.64 1.96 -6.56
C ASN B 250 -27.58 2.91 -6.05
N ASN B 251 -26.72 2.45 -5.14
CA ASN B 251 -25.69 3.30 -4.56
C ASN B 251 -24.59 3.52 -5.59
N LYS B 252 -23.88 4.65 -5.46
CA LYS B 252 -22.83 5.00 -6.42
C LYS B 252 -21.61 4.09 -6.29
N TRP B 253 -21.34 3.60 -5.08
CA TRP B 253 -20.19 2.71 -4.89
C TRP B 253 -20.47 1.32 -5.44
N PHE B 254 -21.67 0.81 -5.24
CA PHE B 254 -22.06 -0.51 -5.75
C PHE B 254 -22.79 -0.41 -7.08
N ILE B 255 -22.17 0.24 -8.08
CA ILE B 255 -22.79 0.36 -9.40
C ILE B 255 -22.54 -0.88 -10.24
N ASP B 256 -21.49 -1.65 -9.96
CA ASP B 256 -21.19 -2.86 -10.69
C ASP B 256 -21.02 -4.07 -9.78
N THR B 257 -21.33 -3.93 -8.49
CA THR B 257 -21.16 -5.01 -7.53
C THR B 257 -22.44 -5.84 -7.49
N SER B 258 -22.31 -7.14 -7.71
CA SER B 258 -23.46 -8.02 -7.71
C SER B 258 -23.97 -8.25 -6.29
N LEU B 259 -25.28 -8.41 -6.16
CA LEU B 259 -25.92 -8.61 -4.86
C LEU B 259 -26.45 -10.02 -4.77
N ILE B 260 -26.05 -10.72 -3.71
CA ILE B 260 -26.60 -12.02 -3.37
C ILE B 260 -27.77 -11.79 -2.41
N LEU B 261 -28.95 -12.20 -2.83
CA LEU B 261 -30.19 -11.88 -2.12
C LEU B 261 -30.69 -13.15 -1.45
N PHE B 262 -30.62 -13.19 -0.12
CA PHE B 262 -31.22 -14.28 0.64
C PHE B 262 -32.59 -13.88 1.15
N LEU B 263 -33.55 -14.80 0.96
CA LEU B 263 -34.91 -14.65 1.44
C LEU B 263 -35.12 -15.66 2.56
N ASN B 264 -35.25 -15.17 3.78
CA ASN B 264 -35.35 -16.04 4.94
C ASN B 264 -36.82 -16.34 5.25
N LYS B 265 -37.03 -17.12 6.32
CA LYS B 265 -38.36 -17.53 6.79
C LYS B 265 -39.16 -18.25 5.70
N LYS B 266 -38.47 -19.13 4.97
CA LYS B 266 -39.12 -19.94 3.94
C LYS B 266 -40.14 -20.90 4.56
N ASP B 267 -39.81 -21.47 5.71
CA ASP B 267 -40.73 -22.34 6.41
C ASP B 267 -41.76 -21.58 7.25
N LEU B 268 -41.62 -20.27 7.36
CA LEU B 268 -42.55 -19.46 8.13
C LEU B 268 -43.56 -18.71 7.27
N LEU B 269 -43.22 -18.44 6.01
CA LEU B 269 -44.22 -17.87 5.10
C LEU B 269 -45.36 -18.84 4.84
N ALA B 270 -45.06 -20.15 4.82
CA ALA B 270 -46.08 -21.16 4.57
C ALA B 270 -47.11 -21.24 5.69
N GLU B 271 -46.75 -20.84 6.91
CA GLU B 271 -47.68 -20.85 8.03
C GLU B 271 -48.17 -19.46 8.42
N LYS B 272 -47.53 -18.40 7.95
CA LYS B 272 -47.96 -17.05 8.31
C LYS B 272 -49.23 -16.65 7.60
N ILE B 273 -49.36 -17.01 6.32
CA ILE B 273 -50.54 -16.65 5.54
C ILE B 273 -51.74 -17.47 5.98
N LEU B 278 -49.99 -12.54 -0.26
CA LEU B 278 -49.96 -11.64 0.87
C LEU B 278 -51.37 -11.27 1.33
N THR B 279 -51.58 -11.25 2.64
CA THR B 279 -52.84 -10.84 3.22
C THR B 279 -52.71 -9.64 4.16
N ILE B 280 -51.48 -9.18 4.38
CA ILE B 280 -51.15 -8.02 5.24
C ILE B 280 -51.68 -8.21 6.66
N PRO B 283 -51.73 -3.91 -0.97
CA PRO B 283 -52.89 -3.20 -1.53
C PRO B 283 -52.90 -3.23 -3.07
N GLU B 284 -51.88 -3.85 -3.65
CA GLU B 284 -51.79 -3.98 -5.11
C GLU B 284 -51.32 -5.37 -5.52
N TYR B 285 -51.68 -6.39 -4.73
CA TYR B 285 -51.24 -7.75 -5.02
C TYR B 285 -52.04 -8.36 -6.16
N LYS B 286 -53.37 -8.45 -5.99
CA LYS B 286 -54.30 -9.05 -6.96
C LYS B 286 -53.91 -10.48 -7.32
N GLY B 287 -53.46 -11.23 -6.32
CA GLY B 287 -53.08 -12.62 -6.51
C GLY B 287 -53.61 -13.48 -5.38
N GLN B 288 -53.58 -14.79 -5.62
CA GLN B 288 -54.08 -15.74 -4.63
C GLN B 288 -53.10 -15.85 -3.46
N ASN B 289 -53.58 -16.45 -2.38
CA ASN B 289 -52.89 -16.45 -1.09
C ASN B 289 -52.44 -17.85 -0.69
N THR B 290 -51.90 -18.60 -1.65
CA THR B 290 -51.34 -19.92 -1.38
C THR B 290 -49.82 -19.86 -1.46
N TYR B 291 -49.19 -21.01 -1.22
CA TYR B 291 -47.73 -21.07 -1.23
C TYR B 291 -47.22 -21.16 -2.67
N GLU B 292 -45.89 -21.05 -2.81
CA GLU B 292 -45.13 -21.15 -4.05
C GLU B 292 -45.43 -20.03 -5.04
N GLU B 293 -46.11 -18.97 -4.61
CA GLU B 293 -46.23 -17.77 -5.42
C GLU B 293 -45.96 -16.48 -4.66
N ALA B 294 -46.18 -16.43 -3.34
CA ALA B 294 -45.88 -15.23 -2.58
C ALA B 294 -44.39 -14.94 -2.54
N ALA B 295 -43.56 -15.99 -2.43
CA ALA B 295 -42.12 -15.81 -2.44
C ALA B 295 -41.64 -15.35 -3.83
N VAL B 296 -42.29 -15.83 -4.88
CA VAL B 296 -41.99 -15.36 -6.23
C VAL B 296 -42.36 -13.89 -6.36
N TYR B 297 -43.47 -13.48 -5.74
CA TYR B 297 -43.86 -12.08 -5.73
C TYR B 297 -42.84 -11.23 -4.98
N ILE B 298 -42.30 -11.74 -3.88
CA ILE B 298 -41.28 -11.01 -3.13
C ILE B 298 -39.99 -10.87 -3.93
N GLN B 299 -39.56 -11.94 -4.63
CA GLN B 299 -38.40 -11.82 -5.50
C GLN B 299 -38.63 -10.82 -6.63
N ARG B 300 -39.84 -10.80 -7.20
CA ARG B 300 -40.13 -9.85 -8.25
C ARG B 300 -40.11 -8.43 -7.72
N GLN B 301 -40.60 -8.23 -6.49
CA GLN B 301 -40.59 -6.91 -5.89
C GLN B 301 -39.17 -6.43 -5.63
N PHE B 302 -38.29 -7.33 -5.20
CA PHE B 302 -36.91 -6.93 -4.93
C PHE B 302 -36.09 -6.77 -6.20
N GLU B 303 -36.34 -7.59 -7.21
CA GLU B 303 -35.64 -7.44 -8.49
C GLU B 303 -36.14 -6.24 -9.29
N ASP B 304 -37.37 -5.79 -9.04
CA ASP B 304 -37.88 -4.60 -9.72
C ASP B 304 -37.14 -3.34 -9.31
N LEU B 305 -36.54 -3.32 -8.11
CA LEU B 305 -35.77 -2.18 -7.67
C LEU B 305 -34.40 -2.10 -8.32
N ASN B 306 -33.97 -3.14 -9.02
CA ASN B 306 -32.69 -3.15 -9.70
C ASN B 306 -32.77 -2.29 -10.95
N ARG B 307 -32.36 -1.03 -10.82
CA ARG B 307 -32.19 -0.17 -11.98
C ARG B 307 -30.82 -0.44 -12.58
N ASN B 308 -30.54 0.23 -13.71
CA ASN B 308 -29.30 0.17 -14.49
C ASN B 308 -28.74 -1.25 -14.62
N LYS B 309 -29.53 -2.10 -15.28
CA LYS B 309 -29.16 -3.50 -15.47
C LYS B 309 -28.12 -3.62 -16.58
N GLU B 310 -27.88 -4.86 -17.02
CA GLU B 310 -26.86 -5.24 -18.02
C GLU B 310 -25.45 -4.92 -17.55
N THR B 311 -25.27 -4.65 -16.26
CA THR B 311 -23.96 -4.51 -15.63
C THR B 311 -23.82 -5.26 -14.32
N LYS B 312 -24.93 -5.57 -13.64
CA LYS B 312 -24.91 -6.25 -12.36
C LYS B 312 -26.05 -7.26 -12.32
N GLU B 313 -25.88 -8.26 -11.45
CA GLU B 313 -26.85 -9.35 -11.36
C GLU B 313 -27.25 -9.54 -9.91
N ILE B 314 -28.54 -9.77 -9.69
CA ILE B 314 -29.06 -10.14 -8.38
C ILE B 314 -29.19 -11.66 -8.35
N TYR B 315 -28.54 -12.29 -7.37
CA TYR B 315 -28.59 -13.73 -7.20
C TYR B 315 -29.55 -14.03 -6.05
N SER B 316 -30.73 -14.54 -6.38
CA SER B 316 -31.78 -14.78 -5.42
C SER B 316 -31.76 -16.23 -4.96
N HIS B 317 -31.94 -16.43 -3.66
CA HIS B 317 -31.92 -17.78 -3.12
C HIS B 317 -32.76 -17.86 -1.86
N PHE B 318 -33.74 -18.77 -1.86
CA PHE B 318 -34.45 -19.12 -0.64
C PHE B 318 -33.52 -19.89 0.29
N THR B 319 -33.42 -19.43 1.53
CA THR B 319 -32.51 -20.05 2.48
C THR B 319 -33.06 -21.37 3.00
N CYS B 320 -32.20 -22.38 3.05
CA CYS B 320 -32.50 -23.66 3.71
C CYS B 320 -31.56 -23.78 4.90
N SER B 321 -32.09 -23.59 6.10
CA SER B 321 -31.27 -23.51 7.31
C SER B 321 -30.71 -24.86 7.74
N THR B 322 -31.13 -25.96 7.12
CA THR B 322 -30.66 -27.29 7.49
C THR B 322 -29.43 -27.72 6.69
N ASP B 323 -29.44 -27.55 5.37
CA ASP B 323 -28.36 -28.03 4.53
C ASP B 323 -27.29 -26.95 4.35
N THR B 324 -26.26 -27.29 3.58
CA THR B 324 -25.16 -26.38 3.28
C THR B 324 -25.38 -25.60 1.99
N SER B 325 -26.55 -25.72 1.38
CA SER B 325 -26.83 -25.11 0.08
C SER B 325 -26.77 -23.59 0.11
N ASN B 326 -26.75 -22.98 1.29
CA ASN B 326 -26.52 -21.55 1.38
C ASN B 326 -25.12 -21.19 0.91
N ILE B 327 -24.09 -21.91 1.39
CA ILE B 327 -22.74 -21.46 1.07
C ILE B 327 -22.33 -21.88 -0.33
N GLN B 328 -22.84 -23.03 -0.80
CA GLN B 328 -22.61 -23.46 -2.18
C GLN B 328 -23.08 -22.40 -3.17
N PHE B 329 -24.27 -21.86 -2.94
CA PHE B 329 -24.78 -20.76 -3.76
C PHE B 329 -23.86 -19.55 -3.64
N VAL B 330 -23.43 -19.24 -2.41
CA VAL B 330 -22.44 -18.18 -2.19
C VAL B 330 -21.15 -18.50 -2.91
N PHE B 331 -20.78 -19.80 -2.94
CA PHE B 331 -19.64 -20.20 -3.75
C PHE B 331 -19.92 -19.91 -5.23
N ASP B 332 -21.06 -20.39 -5.74
CA ASP B 332 -21.31 -20.39 -7.17
C ASP B 332 -21.42 -18.97 -7.71
N ALA B 333 -22.20 -18.14 -7.02
CA ALA B 333 -22.33 -16.73 -7.37
C ALA B 333 -20.97 -16.04 -7.40
N VAL B 334 -20.13 -16.31 -6.40
CA VAL B 334 -18.79 -15.69 -6.38
C VAL B 334 -17.97 -16.17 -7.57
N THR B 335 -18.12 -17.45 -7.92
CA THR B 335 -17.45 -17.96 -9.13
C THR B 335 -17.94 -17.21 -10.36
N ASP B 336 -19.26 -16.99 -10.46
CA ASP B 336 -19.80 -16.21 -11.56
C ASP B 336 -19.35 -14.75 -11.52
N VAL B 337 -18.95 -14.25 -10.36
CA VAL B 337 -18.32 -12.93 -10.31
C VAL B 337 -16.93 -12.98 -10.93
N ILE B 338 -16.14 -14.00 -10.55
CA ILE B 338 -14.72 -14.02 -10.89
C ILE B 338 -14.52 -14.11 -12.39
N ILE B 339 -15.26 -15.02 -13.04
CA ILE B 339 -15.27 -15.10 -14.50
C ILE B 339 -15.70 -13.77 -15.10
N GLN B 340 -16.75 -13.16 -14.55
CA GLN B 340 -17.19 -11.86 -15.03
C GLN B 340 -16.13 -10.79 -14.80
N ASN B 341 -15.30 -10.95 -13.77
CA ASN B 341 -14.15 -10.09 -13.65
C ASN B 341 -13.07 -10.49 -14.64
N ASN B 342 -12.81 -11.81 -14.74
CA ASN B 342 -11.64 -12.30 -15.48
C ASN B 342 -11.73 -11.98 -16.96
N LEU B 343 -12.94 -12.07 -17.52
CA LEU B 343 -13.16 -11.68 -18.92
C LEU B 343 -12.74 -10.24 -19.15
N LYS B 344 -13.16 -9.34 -18.24
CA LYS B 344 -12.70 -7.95 -18.33
C LYS B 344 -11.19 -7.87 -18.18
N TYR B 345 -10.62 -8.67 -17.27
CA TYR B 345 -9.17 -8.68 -17.09
C TYR B 345 -8.44 -9.25 -18.29
N ILE B 346 -9.11 -10.04 -19.14
CA ILE B 346 -8.49 -10.52 -20.36
C ILE B 346 -8.99 -9.78 -21.59
N GLY B 347 -9.74 -8.69 -21.39
CA GLY B 347 -10.13 -7.85 -22.51
C GLY B 347 -11.20 -8.43 -23.40
N LEU B 348 -11.84 -9.51 -23.01
CA LEU B 348 -12.91 -10.12 -23.81
C LEU B 348 -14.28 -9.56 -23.47
N CYS B 349 -14.39 -8.71 -22.46
CA CYS B 349 -15.67 -8.13 -22.06
C CYS B 349 -15.48 -6.80 -21.36
N GLU C 2 -46.93 24.72 28.25
CA GLU C 2 -46.14 23.53 28.55
C GLU C 2 -44.72 23.67 27.99
N LEU C 3 -44.52 23.13 26.79
CA LEU C 3 -43.23 23.19 26.12
C LEU C 3 -43.12 24.37 25.16
N ASP C 4 -44.14 25.24 25.16
CA ASP C 4 -44.20 26.39 24.26
C ASP C 4 -43.06 27.39 24.50
N GLN C 5 -42.70 27.59 25.77
CA GLN C 5 -41.72 28.60 26.16
C GLN C 5 -40.32 28.28 25.64
N LEU C 6 -39.97 26.99 25.60
CA LEU C 6 -38.62 26.54 25.27
C LEU C 6 -38.20 26.93 23.85
N ARG C 7 -39.04 26.60 22.86
CA ARG C 7 -38.73 26.88 21.46
C ARG C 7 -38.67 28.38 21.20
N GLN C 8 -39.62 29.12 21.77
CA GLN C 8 -39.68 30.56 21.62
C GLN C 8 -38.45 31.24 22.20
N GLU C 9 -38.07 30.85 23.43
CA GLU C 9 -36.90 31.40 24.09
C GLU C 9 -35.63 31.05 23.32
N ALA C 10 -35.56 29.81 22.82
CA ALA C 10 -34.39 29.36 22.08
C ALA C 10 -34.22 30.15 20.79
N GLU C 11 -35.31 30.32 20.03
CA GLU C 11 -35.21 31.07 18.79
C GLU C 11 -34.96 32.55 19.06
N GLN C 12 -35.45 33.08 20.18
CA GLN C 12 -35.22 34.49 20.50
C GLN C 12 -33.75 34.74 20.84
N LEU C 13 -33.16 33.89 21.68
CA LEU C 13 -31.77 34.13 22.04
C LEU C 13 -30.81 33.70 20.93
N LYS C 14 -31.21 32.76 20.06
CA LYS C 14 -30.42 32.50 18.86
C LYS C 14 -30.48 33.69 17.90
N ASN C 15 -31.65 34.35 17.82
CA ASN C 15 -31.77 35.53 16.97
C ASN C 15 -30.95 36.69 17.52
N GLN C 16 -30.88 36.84 18.85
CA GLN C 16 -30.01 37.90 19.38
C GLN C 16 -28.54 37.53 19.29
N ILE C 17 -28.20 36.22 19.28
CA ILE C 17 -26.83 35.81 18.95
C ILE C 17 -26.49 36.23 17.52
N ARG C 18 -27.42 35.99 16.59
CA ARG C 18 -27.22 36.42 15.21
C ARG C 18 -27.10 37.94 15.10
N ASP C 19 -27.90 38.67 15.89
CA ASP C 19 -27.84 40.13 15.88
C ASP C 19 -26.50 40.64 16.40
N ALA C 20 -25.98 40.05 17.48
CA ALA C 20 -24.67 40.42 17.98
C ALA C 20 -23.56 40.07 16.99
N ARG C 21 -23.68 38.91 16.33
CA ARG C 21 -22.70 38.54 15.32
C ARG C 21 -22.71 39.50 14.14
N LYS C 22 -23.89 39.93 13.70
CA LYS C 22 -23.97 40.91 12.61
C LYS C 22 -23.47 42.28 13.06
N ALA C 23 -23.63 42.61 14.34
CA ALA C 23 -23.09 43.86 14.84
C ALA C 23 -21.56 43.84 14.89
N CYS C 24 -20.97 42.68 15.20
CA CYS C 24 -19.52 42.58 15.29
C CYS C 24 -18.84 42.42 13.92
N ALA C 25 -19.62 42.32 12.84
CA ALA C 25 -19.05 42.20 11.49
C ALA C 25 -18.89 43.59 10.87
N ASP C 26 -17.86 44.30 11.34
CA ASP C 26 -17.63 45.66 10.84
C ASP C 26 -17.03 45.66 9.44
N ALA C 27 -16.21 44.66 9.11
CA ALA C 27 -15.59 44.55 7.80
C ALA C 27 -15.43 43.06 7.49
N THR C 28 -14.59 42.76 6.51
CA THR C 28 -14.29 41.38 6.15
C THR C 28 -12.78 41.20 6.05
N LEU C 29 -12.36 39.94 6.01
CA LEU C 29 -10.94 39.62 5.86
C LEU C 29 -10.41 40.06 4.50
N SER C 30 -11.24 39.94 3.45
CA SER C 30 -10.81 40.29 2.10
C SER C 30 -10.53 41.78 1.96
N GLN C 31 -11.34 42.63 2.59
CA GLN C 31 -11.14 44.07 2.49
C GLN C 31 -9.83 44.49 3.15
N ILE C 32 -9.49 43.88 4.29
CA ILE C 32 -8.24 44.20 4.96
C ILE C 32 -7.05 43.64 4.18
N THR C 33 -7.19 42.43 3.63
CA THR C 33 -6.08 41.77 2.95
C THR C 33 -5.98 42.12 1.48
N ASN C 34 -6.83 43.01 0.98
CA ASN C 34 -6.81 43.39 -0.43
C ASN C 34 -5.53 44.11 -0.86
N ASN C 35 -4.74 44.63 0.09
CA ASN C 35 -3.50 45.32 -0.24
C ASN C 35 -2.27 44.50 0.12
N ILE C 36 -2.42 43.17 0.14
CA ILE C 36 -1.31 42.25 0.32
C ILE C 36 -0.81 41.86 -1.06
N ASP C 37 0.50 41.87 -1.25
CA ASP C 37 1.08 41.27 -2.44
C ASP C 37 0.78 39.78 -2.45
N PRO C 38 0.18 39.24 -3.52
CA PRO C 38 -0.21 37.84 -3.53
C PRO C 38 0.98 36.92 -3.51
N VAL C 39 0.75 35.69 -3.01
CA VAL C 39 1.82 34.71 -2.90
C VAL C 39 2.33 34.28 -4.27
N GLY C 40 1.44 34.19 -5.26
CA GLY C 40 1.84 33.77 -6.59
C GLY C 40 1.44 32.35 -6.88
N ARG C 41 2.31 31.61 -7.57
CA ARG C 41 2.08 30.22 -7.91
C ARG C 41 3.07 29.35 -7.15
N ILE C 42 2.56 28.38 -6.40
CA ILE C 42 3.39 27.45 -5.62
C ILE C 42 3.50 26.18 -6.45
N GLN C 43 4.58 26.03 -7.19
CA GLN C 43 4.82 24.85 -8.01
C GLN C 43 5.66 23.83 -7.24
N MET C 44 5.12 23.40 -6.12
CA MET C 44 5.77 22.39 -5.29
C MET C 44 5.75 21.05 -6.02
N ARG C 45 6.87 20.35 -6.01
CA ARG C 45 7.03 19.12 -6.76
C ARG C 45 7.29 17.97 -5.80
N THR C 46 7.01 16.76 -6.28
CA THR C 46 7.23 15.57 -5.48
C THR C 46 8.72 15.27 -5.37
N ARG C 47 9.15 14.95 -4.15
CA ARG C 47 10.53 14.58 -3.86
C ARG C 47 10.68 13.11 -3.52
N ARG C 48 9.76 12.55 -2.74
CA ARG C 48 9.73 11.12 -2.47
C ARG C 48 8.36 10.55 -2.78
N THR C 49 8.35 9.35 -3.34
CA THR C 49 7.17 8.52 -3.42
C THR C 49 7.40 7.29 -2.54
N LEU C 50 6.33 6.84 -1.90
CA LEU C 50 6.42 5.87 -0.80
C LEU C 50 5.57 4.66 -1.17
N ARG C 51 6.24 3.57 -1.51
CA ARG C 51 5.59 2.35 -1.97
C ARG C 51 5.70 1.26 -0.91
N GLY C 52 4.68 0.42 -0.85
CA GLY C 52 4.63 -0.64 0.15
C GLY C 52 3.22 -0.87 0.65
N HIS C 53 2.36 0.12 0.49
CA HIS C 53 0.95 -0.05 0.77
C HIS C 53 0.26 -0.70 -0.42
N LEU C 54 -0.55 -1.72 -0.15
CA LEU C 54 -1.23 -2.45 -1.22
C LEU C 54 -2.71 -2.14 -1.31
N ALA C 55 -3.29 -1.48 -0.32
CA ALA C 55 -4.66 -1.01 -0.37
C ALA C 55 -4.66 0.51 -0.22
N LYS C 56 -5.86 1.09 -0.17
CA LYS C 56 -5.98 2.53 -0.13
C LYS C 56 -5.66 3.08 1.25
N ILE C 57 -5.02 4.25 1.28
CA ILE C 57 -4.59 4.90 2.51
C ILE C 57 -5.68 5.84 2.97
N TYR C 58 -6.10 5.72 4.23
CA TYR C 58 -7.10 6.65 4.76
C TYR C 58 -6.56 7.71 5.71
N ALA C 59 -5.41 7.49 6.34
CA ALA C 59 -4.92 8.49 7.26
C ALA C 59 -3.40 8.50 7.28
N MET C 60 -2.85 9.66 7.66
CA MET C 60 -1.45 9.78 8.00
C MET C 60 -1.30 10.88 9.04
N HIS C 61 -0.20 10.83 9.78
CA HIS C 61 0.12 11.91 10.70
C HIS C 61 1.64 11.98 10.82
N TRP C 62 2.17 13.19 10.77
CA TRP C 62 3.60 13.41 10.84
C TRP C 62 4.12 13.26 12.26
N GLY C 63 5.42 13.53 12.42
CA GLY C 63 6.05 13.56 13.71
C GLY C 63 6.47 14.98 14.09
N THR C 64 6.79 15.12 15.38
CA THR C 64 7.35 16.39 15.86
C THR C 64 8.73 16.63 15.28
N ASP C 65 9.52 15.55 15.12
CA ASP C 65 10.85 15.65 14.52
C ASP C 65 10.82 15.94 13.03
N SER C 66 9.64 15.87 12.40
CA SER C 66 9.44 16.18 10.98
C SER C 66 10.25 15.29 10.05
N ARG C 67 10.51 14.06 10.47
CA ARG C 67 11.16 13.09 9.60
C ARG C 67 10.40 11.78 9.51
N LEU C 68 9.82 11.31 10.61
CA LEU C 68 9.01 10.10 10.60
C LEU C 68 7.55 10.45 10.36
N LEU C 69 6.85 9.55 9.68
CA LEU C 69 5.41 9.69 9.50
C LEU C 69 4.78 8.31 9.53
N VAL C 70 3.61 8.22 10.12
CA VAL C 70 2.84 6.99 10.20
C VAL C 70 1.69 7.08 9.21
N SER C 71 1.34 5.95 8.58
CA SER C 71 0.24 5.91 7.63
C SER C 71 -0.59 4.66 7.86
N ALA C 72 -1.89 4.78 7.67
CA ALA C 72 -2.85 3.70 7.87
C ALA C 72 -3.54 3.36 6.55
N SER C 73 -3.57 2.07 6.23
CA SER C 73 -4.27 1.66 5.00
C SER C 73 -5.27 0.56 5.32
N GLN C 74 -6.04 0.17 4.29
CA GLN C 74 -7.06 -0.85 4.40
C GLN C 74 -6.52 -2.27 4.37
N ASP C 75 -5.23 -2.45 4.12
CA ASP C 75 -4.62 -3.77 4.15
C ASP C 75 -4.18 -4.18 5.56
N GLY C 76 -4.73 -3.54 6.58
CA GLY C 76 -4.37 -3.83 7.96
C GLY C 76 -2.95 -3.45 8.31
N LYS C 77 -2.46 -2.35 7.76
CA LYS C 77 -1.07 -1.96 7.95
C LYS C 77 -0.97 -0.52 8.40
N LEU C 78 -0.23 -0.33 9.49
CA LEU C 78 0.26 0.98 9.94
C LEU C 78 1.76 1.00 9.66
N ILE C 79 2.18 1.79 8.69
CA ILE C 79 3.60 1.83 8.31
C ILE C 79 4.20 3.14 8.80
N ILE C 80 5.30 3.02 9.53
CA ILE C 80 6.09 4.15 9.98
C ILE C 80 7.30 4.25 9.06
N TRP C 81 7.37 5.37 8.32
CA TRP C 81 8.35 5.58 7.28
C TRP C 81 9.46 6.51 7.74
N ASP C 82 10.52 6.57 6.95
CA ASP C 82 11.54 7.59 7.04
C ASP C 82 11.46 8.43 5.78
N SER C 83 11.10 9.71 5.93
CA SER C 83 10.84 10.56 4.78
C SER C 83 12.11 10.86 3.99
N TYR C 84 13.25 10.95 4.67
CA TYR C 84 14.47 11.39 4.01
C TYR C 84 15.06 10.30 3.13
N THR C 85 14.91 9.03 3.50
CA THR C 85 15.55 7.93 2.82
C THR C 85 14.59 6.94 2.17
N THR C 86 13.28 7.16 2.32
CA THR C 86 12.23 6.23 1.89
C THR C 86 12.47 4.84 2.49
N ASN C 87 12.64 4.83 3.80
CA ASN C 87 12.94 3.62 4.55
C ASN C 87 11.77 3.30 5.47
N LYS C 88 11.36 2.04 5.46
CA LYS C 88 10.28 1.60 6.33
C LYS C 88 10.84 1.30 7.70
N VAL C 89 10.57 2.19 8.66
CA VAL C 89 11.03 1.96 10.02
C VAL C 89 10.24 0.84 10.67
N HIS C 90 8.92 0.88 10.54
CA HIS C 90 8.07 -0.11 11.20
C HIS C 90 6.88 -0.47 10.32
N ALA C 91 6.41 -1.70 10.47
CA ALA C 91 5.17 -2.16 9.85
C ALA C 91 4.36 -2.88 10.93
N ILE C 92 3.24 -2.28 11.31
CA ILE C 92 2.38 -2.80 12.37
C ILE C 92 1.17 -3.46 11.72
N PRO C 93 0.93 -4.75 11.95
CA PRO C 93 -0.32 -5.38 11.51
C PRO C 93 -1.45 -5.04 12.46
N LEU C 94 -2.56 -4.56 11.90
CA LEU C 94 -3.70 -4.13 12.70
C LEU C 94 -4.67 -5.29 12.91
N ARG C 95 -5.32 -5.29 14.08
CA ARG C 95 -6.32 -6.30 14.37
C ARG C 95 -7.56 -6.11 13.50
N SER C 96 -7.89 -4.88 13.17
CA SER C 96 -8.98 -4.55 12.26
C SER C 96 -8.42 -3.68 11.14
N SER C 97 -8.74 -4.06 9.90
CA SER C 97 -8.25 -3.34 8.74
C SER C 97 -9.12 -2.16 8.34
N TRP C 98 -10.29 -2.03 8.95
CA TRP C 98 -11.25 -0.97 8.58
C TRP C 98 -11.00 0.27 9.44
N VAL C 99 -9.83 0.87 9.21
CA VAL C 99 -9.39 2.02 9.97
C VAL C 99 -9.54 3.27 9.12
N MET C 100 -9.87 4.38 9.78
CA MET C 100 -9.93 5.68 9.11
C MET C 100 -8.98 6.70 9.69
N THR C 101 -8.45 6.48 10.89
CA THR C 101 -7.62 7.47 11.54
C THR C 101 -6.37 6.83 12.13
N CYS C 102 -5.31 7.63 12.18
CA CYS C 102 -4.08 7.26 12.87
C CYS C 102 -3.45 8.53 13.41
N ALA C 103 -2.73 8.40 14.52
CA ALA C 103 -2.11 9.54 15.18
C ALA C 103 -0.72 9.15 15.64
N TYR C 104 0.12 10.17 15.82
CA TYR C 104 1.48 9.97 16.28
C TYR C 104 1.67 10.86 17.50
N ALA C 105 2.15 10.27 18.59
CA ALA C 105 2.32 11.01 19.83
C ALA C 105 3.44 12.04 19.70
N PRO C 106 3.33 13.19 20.38
CA PRO C 106 4.40 14.20 20.31
C PRO C 106 5.72 13.72 20.88
N SER C 107 5.69 12.82 21.87
CA SER C 107 6.92 12.29 22.43
C SER C 107 7.61 11.30 21.49
N GLY C 108 6.90 10.80 20.48
CA GLY C 108 7.46 9.82 19.58
C GLY C 108 7.44 8.41 20.08
N ASN C 109 6.81 8.15 21.22
CA ASN C 109 6.85 6.83 21.84
C ASN C 109 5.67 5.96 21.47
N TYR C 110 4.54 6.55 21.09
CA TYR C 110 3.34 5.79 20.81
C TYR C 110 2.71 6.27 19.50
N VAL C 111 1.95 5.38 18.88
CA VAL C 111 1.08 5.73 17.78
C VAL C 111 -0.34 5.29 18.15
N ALA C 112 -1.31 5.89 17.48
CA ALA C 112 -2.71 5.56 17.69
C ALA C 112 -3.35 5.18 16.37
N CYS C 113 -4.44 4.43 16.46
CA CYS C 113 -5.17 4.01 15.28
C CYS C 113 -6.61 3.75 15.67
N GLY C 114 -7.49 3.78 14.68
CA GLY C 114 -8.89 3.54 14.93
C GLY C 114 -9.70 3.60 13.65
N GLY C 115 -10.95 3.17 13.76
CA GLY C 115 -11.83 3.12 12.63
C GLY C 115 -13.19 2.53 12.94
N LEU C 116 -13.65 1.59 12.10
CA LEU C 116 -14.98 1.02 12.23
C LEU C 116 -15.12 0.03 13.38
N ASP C 117 -14.03 -0.31 14.05
CA ASP C 117 -14.07 -1.29 15.14
C ASP C 117 -14.46 -0.68 16.48
N ASN C 118 -14.72 0.63 16.53
CA ASN C 118 -15.15 1.37 17.72
C ASN C 118 -14.12 1.35 18.84
N ILE C 119 -12.86 1.05 18.52
CA ILE C 119 -11.80 0.95 19.52
C ILE C 119 -10.63 1.82 19.08
N CYS C 120 -10.14 2.66 19.99
CA CYS C 120 -8.91 3.41 19.77
C CYS C 120 -7.73 2.59 20.28
N SER C 121 -6.87 2.15 19.37
CA SER C 121 -5.73 1.33 19.72
C SER C 121 -4.49 2.20 19.84
N ILE C 122 -3.74 2.01 20.93
CA ILE C 122 -2.51 2.73 21.20
C ILE C 122 -1.38 1.72 21.21
N TYR C 123 -0.42 1.90 20.30
CA TYR C 123 0.72 1.01 20.11
C TYR C 123 1.98 1.71 20.64
N ASN C 124 2.85 0.92 21.27
CA ASN C 124 4.08 1.42 21.86
C ASN C 124 5.25 1.11 20.95
N LEU C 125 6.01 2.14 20.58
CA LEU C 125 7.15 1.98 19.68
C LEU C 125 8.45 1.76 20.46
N LYS C 126 8.82 2.74 21.28
CA LYS C 126 10.10 2.73 21.99
C LYS C 126 9.95 1.85 23.23
N THR C 127 9.99 0.54 23.01
CA THR C 127 9.90 -0.44 24.07
C THR C 127 11.01 -1.46 23.90
N ARG C 128 11.11 -2.37 24.87
CA ARG C 128 12.00 -3.51 24.73
C ARG C 128 11.41 -4.51 23.74
N GLU C 129 12.10 -5.65 23.59
CA GLU C 129 11.75 -6.77 22.73
C GLU C 129 11.79 -6.42 21.24
N GLY C 130 12.10 -5.17 20.89
CA GLY C 130 12.36 -4.78 19.53
C GLY C 130 11.16 -4.75 18.60
N ASN C 131 9.94 -4.88 19.12
CA ASN C 131 8.75 -4.91 18.28
C ASN C 131 7.68 -3.97 18.86
N VAL C 132 6.85 -3.44 17.97
CA VAL C 132 5.73 -2.60 18.37
C VAL C 132 4.63 -3.50 18.93
N ARG C 133 4.13 -3.16 20.11
CA ARG C 133 3.15 -3.95 20.80
C ARG C 133 1.91 -3.10 21.10
N VAL C 134 0.77 -3.77 21.24
CA VAL C 134 -0.49 -3.10 21.55
C VAL C 134 -0.45 -2.71 23.02
N SER C 135 -0.41 -1.41 23.29
CA SER C 135 -0.34 -0.93 24.66
C SER C 135 -1.69 -0.67 25.28
N ARG C 136 -2.67 -0.24 24.49
CA ARG C 136 -3.97 0.14 25.06
C ARG C 136 -5.08 -0.05 24.03
N GLU C 137 -6.24 -0.50 24.49
CA GLU C 137 -7.45 -0.51 23.69
C GLU C 137 -8.51 0.28 24.43
N LEU C 138 -8.98 1.36 23.81
CA LEU C 138 -9.98 2.25 24.40
C LEU C 138 -11.32 1.99 23.76
N ALA C 139 -12.30 1.58 24.56
CA ALA C 139 -13.63 1.26 24.10
C ALA C 139 -14.65 2.04 24.93
N GLY C 140 -15.80 2.31 24.32
CA GLY C 140 -16.82 3.12 24.96
C GLY C 140 -17.56 4.00 23.99
N HIS C 141 -17.09 4.06 22.75
CA HIS C 141 -17.79 4.76 21.68
C HIS C 141 -18.77 3.84 20.99
N THR C 142 -19.92 4.38 20.61
CA THR C 142 -20.94 3.62 19.89
C THR C 142 -20.72 3.69 18.39
N GLY C 143 -20.26 4.82 17.87
CA GLY C 143 -19.93 4.95 16.47
C GLY C 143 -18.49 4.57 16.18
N TYR C 144 -18.16 4.58 14.89
CA TYR C 144 -16.80 4.36 14.45
C TYR C 144 -15.90 5.52 14.89
N LEU C 145 -14.61 5.24 15.00
CA LEU C 145 -13.63 6.25 15.39
C LEU C 145 -13.15 6.97 14.14
N SER C 146 -13.48 8.26 14.02
CA SER C 146 -13.16 9.02 12.83
C SER C 146 -11.87 9.81 12.94
N CYS C 147 -11.52 10.29 14.13
CA CYS C 147 -10.27 11.00 14.33
C CYS C 147 -9.79 10.80 15.76
N CYS C 148 -8.49 10.93 15.95
CA CYS C 148 -7.87 10.85 17.26
C CYS C 148 -6.60 11.67 17.25
N ARG C 149 -6.36 12.40 18.33
CA ARG C 149 -5.18 13.23 18.46
C ARG C 149 -4.63 13.12 19.88
N PHE C 150 -3.32 13.21 20.00
CA PHE C 150 -2.64 13.01 21.27
C PHE C 150 -2.47 14.36 21.99
N LEU C 151 -2.80 14.39 23.28
CA LEU C 151 -2.47 15.52 24.12
C LEU C 151 -1.09 15.36 24.73
N ASP C 152 -0.92 14.22 25.41
CA ASP C 152 0.36 13.86 26.07
C ASP C 152 0.48 12.34 25.98
N ASP C 153 1.46 11.77 26.64
CA ASP C 153 1.62 10.32 26.65
C ASP C 153 0.51 9.60 27.40
N ASN C 154 -0.29 10.32 28.18
CA ASN C 154 -1.36 9.70 28.96
C ASN C 154 -2.75 10.21 28.66
N GLN C 155 -2.90 11.28 27.87
CA GLN C 155 -4.20 11.83 27.52
C GLN C 155 -4.40 11.76 26.01
N ILE C 156 -5.58 11.31 25.60
CA ILE C 156 -5.93 11.29 24.18
C ILE C 156 -7.33 11.88 24.03
N VAL C 157 -7.63 12.37 22.82
CA VAL C 157 -8.95 12.87 22.49
C VAL C 157 -9.40 12.17 21.21
N THR C 158 -10.66 11.74 21.20
CA THR C 158 -11.21 10.92 20.13
C THR C 158 -12.53 11.49 19.66
N SER C 159 -12.77 11.47 18.34
CA SER C 159 -14.04 11.87 17.76
C SER C 159 -14.69 10.67 17.09
N SER C 160 -15.99 10.51 17.29
CA SER C 160 -16.68 9.32 16.86
C SER C 160 -17.99 9.68 16.16
N GLY C 161 -18.55 8.68 15.49
CA GLY C 161 -19.84 8.81 14.84
C GLY C 161 -21.01 8.45 15.73
N ASP C 162 -20.91 8.82 17.01
CA ASP C 162 -22.03 8.75 17.93
C ASP C 162 -22.34 10.13 18.51
N THR C 163 -22.05 11.17 17.72
CA THR C 163 -22.32 12.59 18.02
C THR C 163 -21.58 13.07 19.26
N THR C 164 -20.44 12.44 19.60
CA THR C 164 -19.72 12.79 20.82
C THR C 164 -18.23 12.84 20.54
N CYS C 165 -17.53 13.62 21.36
CA CYS C 165 -16.08 13.55 21.50
C CYS C 165 -15.75 12.98 22.87
N ALA C 166 -14.50 12.55 23.04
CA ALA C 166 -14.12 11.93 24.30
C ALA C 166 -12.67 12.28 24.62
N LEU C 167 -12.40 12.45 25.92
CA LEU C 167 -11.05 12.63 26.43
C LEU C 167 -10.76 11.44 27.34
N TRP C 168 -9.75 10.65 26.98
CA TRP C 168 -9.39 9.44 27.67
C TRP C 168 -8.07 9.62 28.40
N ASP C 169 -7.98 9.00 29.58
CA ASP C 169 -6.70 8.79 30.25
C ASP C 169 -6.17 7.43 29.84
N ILE C 170 -4.96 7.42 29.28
CA ILE C 170 -4.45 6.22 28.63
C ILE C 170 -4.09 5.14 29.65
N GLU C 171 -3.50 5.54 30.78
CA GLU C 171 -3.04 4.55 31.78
C GLU C 171 -4.20 3.80 32.39
N THR C 172 -5.29 4.49 32.73
CA THR C 172 -6.46 3.83 33.29
C THR C 172 -7.45 3.36 32.23
N GLY C 173 -7.35 3.88 31.00
CA GLY C 173 -8.22 3.43 29.93
C GLY C 173 -9.67 3.83 30.09
N GLN C 174 -9.96 4.90 30.82
CA GLN C 174 -11.32 5.28 31.15
C GLN C 174 -11.66 6.64 30.56
N GLN C 175 -12.96 6.87 30.41
CA GLN C 175 -13.48 8.13 29.88
C GLN C 175 -13.32 9.22 30.93
N THR C 176 -12.28 10.04 30.76
CA THR C 176 -12.10 11.18 31.66
C THR C 176 -13.15 12.25 31.41
N THR C 177 -13.43 12.55 30.15
CA THR C 177 -14.44 13.56 29.80
C THR C 177 -15.20 13.10 28.57
N THR C 178 -16.48 13.46 28.49
CA THR C 178 -17.29 13.22 27.30
C THR C 178 -17.90 14.54 26.84
N PHE C 179 -17.66 14.89 25.58
CA PHE C 179 -18.08 16.15 25.01
C PHE C 179 -19.32 15.89 24.14
N THR C 180 -20.46 16.42 24.58
CA THR C 180 -21.74 16.15 23.96
C THR C 180 -22.38 17.45 23.47
N GLY C 181 -23.23 17.33 22.46
CA GLY C 181 -23.93 18.49 21.94
C GLY C 181 -24.15 18.45 20.44
N HIS C 182 -23.37 17.64 19.73
CA HIS C 182 -23.56 17.52 18.30
C HIS C 182 -24.81 16.69 17.98
N THR C 183 -25.42 16.99 16.83
CA THR C 183 -26.59 16.27 16.37
C THR C 183 -26.25 15.22 15.32
N GLY C 184 -25.24 15.48 14.49
CA GLY C 184 -24.77 14.54 13.51
C GLY C 184 -23.42 13.95 13.87
N ASP C 185 -22.99 13.02 13.02
CA ASP C 185 -21.76 12.26 13.27
C ASP C 185 -20.54 13.15 13.15
N VAL C 186 -19.59 12.96 14.05
CA VAL C 186 -18.42 13.83 14.15
C VAL C 186 -17.27 13.23 13.35
N MET C 187 -16.73 14.00 12.40
CA MET C 187 -15.76 13.49 11.45
C MET C 187 -14.32 13.88 11.75
N SER C 188 -14.07 15.14 12.10
CA SER C 188 -12.71 15.62 12.24
C SER C 188 -12.48 16.22 13.62
N LEU C 189 -11.23 16.55 13.89
CA LEU C 189 -10.78 16.95 15.21
C LEU C 189 -9.44 17.66 15.06
N SER C 190 -9.23 18.70 15.85
CA SER C 190 -7.97 19.44 15.84
C SER C 190 -7.79 20.11 17.19
N LEU C 191 -6.63 19.89 17.81
CA LEU C 191 -6.34 20.51 19.09
C LEU C 191 -5.59 21.83 18.90
N ALA C 192 -5.87 22.77 19.78
CA ALA C 192 -5.16 24.04 19.79
C ALA C 192 -3.72 23.81 20.25
N PRO C 193 -2.79 24.68 19.82
CA PRO C 193 -1.39 24.52 20.22
C PRO C 193 -1.14 24.58 21.72
N ASP C 194 -1.95 25.31 22.48
CA ASP C 194 -1.76 25.37 23.93
C ASP C 194 -2.42 24.22 24.67
N THR C 195 -3.07 23.30 23.94
CA THR C 195 -3.67 22.08 24.48
C THR C 195 -4.68 22.36 25.59
N ARG C 196 -5.47 23.42 25.42
CA ARG C 196 -6.53 23.76 26.36
C ARG C 196 -7.91 23.76 25.73
N LEU C 197 -8.02 24.06 24.44
CA LEU C 197 -9.26 24.03 23.70
C LEU C 197 -9.10 23.12 22.49
N PHE C 198 -10.22 22.71 21.90
CA PHE C 198 -10.17 22.02 20.63
C PHE C 198 -11.47 22.19 19.87
N VAL C 199 -11.36 22.28 18.54
CA VAL C 199 -12.51 22.39 17.67
C VAL C 199 -12.82 21.01 17.08
N SER C 200 -14.10 20.78 16.80
CA SER C 200 -14.52 19.49 16.27
C SER C 200 -15.65 19.71 15.27
N GLY C 201 -15.56 19.07 14.11
CA GLY C 201 -16.51 19.26 13.02
C GLY C 201 -17.37 18.03 12.82
N ALA C 202 -18.65 18.24 12.55
CA ALA C 202 -19.56 17.10 12.44
C ALA C 202 -20.44 17.12 11.21
N CYS C 203 -21.38 16.18 11.14
CA CYS C 203 -22.29 16.02 10.01
C CYS C 203 -23.56 16.84 10.15
N ASP C 204 -23.72 17.59 11.25
CA ASP C 204 -24.80 18.56 11.36
C ASP C 204 -24.38 19.92 10.81
N ALA C 205 -23.37 19.95 9.93
CA ALA C 205 -22.82 21.16 9.31
C ALA C 205 -22.36 22.15 10.36
N SER C 206 -21.80 21.65 11.46
CA SER C 206 -21.46 22.47 12.61
C SER C 206 -20.06 22.17 13.10
N ALA C 207 -19.38 23.23 13.53
CA ALA C 207 -18.11 23.13 14.24
C ALA C 207 -18.35 23.57 15.68
N LYS C 208 -17.72 22.89 16.62
CA LYS C 208 -17.91 23.19 18.03
C LYS C 208 -16.55 23.31 18.72
N LEU C 209 -16.37 24.42 19.43
CA LEU C 209 -15.16 24.67 20.20
C LEU C 209 -15.41 24.27 21.64
N TRP C 210 -14.68 23.26 22.10
CA TRP C 210 -14.79 22.69 23.43
C TRP C 210 -13.59 23.11 24.28
N ASP C 211 -13.85 23.27 25.58
CA ASP C 211 -12.79 23.45 26.56
C ASP C 211 -12.53 22.11 27.23
N VAL C 212 -11.25 21.71 27.26
CA VAL C 212 -10.86 20.39 27.73
C VAL C 212 -11.09 20.25 29.23
N ARG C 213 -10.93 21.34 29.99
CA ARG C 213 -10.93 21.26 31.45
C ARG C 213 -12.32 20.92 31.99
N GLU C 214 -13.30 21.79 31.76
CA GLU C 214 -14.62 21.59 32.33
C GLU C 214 -15.58 20.84 31.42
N GLY C 215 -15.15 20.47 30.22
CA GLY C 215 -15.96 19.66 29.33
C GLY C 215 -17.22 20.34 28.82
N MET C 216 -17.15 21.64 28.56
CA MET C 216 -18.31 22.42 28.15
C MET C 216 -18.10 22.93 26.73
N CYS C 217 -19.19 22.92 25.96
CA CYS C 217 -19.17 23.47 24.60
C CYS C 217 -19.02 24.98 24.69
N ARG C 218 -17.81 25.47 24.44
CA ARG C 218 -17.55 26.89 24.60
C ARG C 218 -18.20 27.69 23.47
N GLN C 219 -18.10 27.21 22.23
CA GLN C 219 -18.63 27.92 21.08
C GLN C 219 -19.22 26.94 20.08
N THR C 220 -20.12 27.45 19.23
CA THR C 220 -20.70 26.68 18.14
C THR C 220 -20.81 27.58 16.90
N PHE C 221 -20.23 27.12 15.79
CA PHE C 221 -20.21 27.85 14.53
C PHE C 221 -20.94 27.06 13.48
N THR C 222 -21.88 27.71 12.79
CA THR C 222 -22.78 27.05 11.84
C THR C 222 -22.85 27.90 10.57
N GLY C 223 -22.08 27.51 9.55
CA GLY C 223 -22.18 28.17 8.27
C GLY C 223 -22.36 27.24 7.09
N HIS C 224 -21.98 25.97 7.26
CA HIS C 224 -21.88 25.06 6.12
C HIS C 224 -23.24 24.51 5.73
N GLU C 225 -23.27 23.87 4.57
CA GLU C 225 -24.50 23.29 4.02
C GLU C 225 -24.43 21.77 3.87
N SER C 226 -23.29 21.15 4.14
CA SER C 226 -23.13 19.72 4.00
C SER C 226 -22.29 19.21 5.17
N ASP C 227 -21.82 17.98 5.04
CA ASP C 227 -21.09 17.31 6.13
C ASP C 227 -19.66 17.80 6.18
N ILE C 228 -19.24 18.30 7.34
CA ILE C 228 -17.86 18.75 7.53
C ILE C 228 -16.98 17.52 7.75
N ASN C 229 -15.97 17.36 6.90
CA ASN C 229 -15.08 16.19 6.97
C ASN C 229 -13.71 16.48 7.55
N ALA C 230 -13.22 17.71 7.43
CA ALA C 230 -11.88 18.05 7.87
C ALA C 230 -11.89 19.37 8.60
N ILE C 231 -11.05 19.48 9.63
CA ILE C 231 -10.94 20.72 10.41
C ILE C 231 -9.50 20.85 10.87
N CYS C 232 -9.03 22.09 11.00
CA CYS C 232 -7.63 22.36 11.31
C CYS C 232 -7.51 23.73 11.97
N PHE C 233 -6.64 23.83 12.98
CA PHE C 233 -6.36 25.09 13.64
C PHE C 233 -5.35 25.93 12.86
N PHE C 234 -5.51 27.23 12.96
CA PHE C 234 -4.46 28.17 12.60
C PHE C 234 -3.30 28.00 13.58
N PRO C 235 -2.06 28.28 13.14
CA PRO C 235 -0.93 28.23 14.08
C PRO C 235 -1.03 29.23 15.23
N ASN C 236 -1.80 30.32 15.07
CA ASN C 236 -2.05 31.23 16.18
C ASN C 236 -2.85 30.54 17.28
N GLY C 237 -3.85 29.76 16.92
CA GLY C 237 -4.78 29.18 17.87
C GLY C 237 -6.06 29.95 18.05
N ASN C 238 -6.23 31.07 17.36
CA ASN C 238 -7.45 31.87 17.46
C ASN C 238 -8.45 31.60 16.34
N ALA C 239 -8.00 31.04 15.22
CA ALA C 239 -8.87 30.77 14.08
C ALA C 239 -8.78 29.29 13.70
N PHE C 240 -9.72 28.85 12.89
CA PHE C 240 -9.67 27.49 12.37
C PHE C 240 -10.34 27.42 11.00
N ALA C 241 -10.08 26.33 10.29
CA ALA C 241 -10.55 26.14 8.93
C ALA C 241 -11.23 24.79 8.78
N THR C 242 -12.35 24.77 8.08
CA THR C 242 -13.15 23.57 7.88
C THR C 242 -13.30 23.28 6.39
N GLY C 243 -13.37 22.00 6.07
CA GLY C 243 -13.72 21.57 4.72
C GLY C 243 -14.88 20.60 4.78
N SER C 244 -15.77 20.70 3.80
CA SER C 244 -17.01 19.94 3.81
C SER C 244 -17.24 19.30 2.45
N ASP C 245 -18.39 18.63 2.32
CA ASP C 245 -18.79 17.99 1.07
C ASP C 245 -19.43 18.94 0.09
N ASP C 246 -19.65 20.20 0.47
CA ASP C 246 -20.20 21.20 -0.45
C ASP C 246 -19.12 21.93 -1.25
N ALA C 247 -17.94 21.31 -1.38
CA ALA C 247 -16.82 21.82 -2.19
C ALA C 247 -16.32 23.18 -1.73
N THR C 248 -16.45 23.48 -0.44
CA THR C 248 -16.00 24.76 0.11
C THR C 248 -15.15 24.54 1.34
N CYS C 249 -14.13 25.37 1.50
CA CYS C 249 -13.45 25.55 2.77
C CYS C 249 -13.94 26.85 3.39
N ARG C 250 -14.06 26.88 4.72
CA ARG C 250 -14.49 28.10 5.40
C ARG C 250 -13.61 28.34 6.61
N LEU C 251 -13.20 29.59 6.79
CA LEU C 251 -12.31 30.03 7.86
C LEU C 251 -13.11 30.82 8.87
N PHE C 252 -13.11 30.34 10.12
CA PHE C 252 -13.82 30.92 11.24
C PHE C 252 -12.83 31.47 12.27
N ASP C 253 -13.29 32.47 13.02
CA ASP C 253 -12.58 33.02 14.16
C ASP C 253 -13.30 32.64 15.45
N LEU C 254 -12.53 32.45 16.51
CA LEU C 254 -13.13 32.16 17.81
C LEU C 254 -13.59 33.43 18.52
N ARG C 255 -12.70 34.43 18.60
CA ARG C 255 -13.04 35.66 19.30
C ARG C 255 -14.12 36.45 18.58
N ALA C 256 -14.05 36.54 17.25
CA ALA C 256 -15.11 37.20 16.49
C ALA C 256 -16.39 36.38 16.45
N ASP C 257 -16.28 35.07 16.71
CA ASP C 257 -17.43 34.15 16.82
C ASP C 257 -18.26 34.11 15.53
N GLN C 258 -17.60 34.21 14.39
CA GLN C 258 -18.28 34.14 13.11
C GLN C 258 -17.30 33.71 12.03
N GLU C 259 -17.85 33.40 10.86
CA GLU C 259 -17.04 33.00 9.71
C GLU C 259 -16.29 34.20 9.16
N LEU C 260 -15.02 33.98 8.79
CA LEU C 260 -14.18 35.03 8.24
C LEU C 260 -14.06 34.96 6.73
N MET C 261 -13.84 33.77 6.17
CA MET C 261 -13.57 33.69 4.73
C MET C 261 -14.10 32.38 4.17
N THR C 262 -14.39 32.38 2.87
CA THR C 262 -14.73 31.17 2.13
C THR C 262 -13.71 30.93 1.02
N TYR C 263 -13.53 29.66 0.68
CA TYR C 263 -12.55 29.19 -0.30
C TYR C 263 -13.27 28.20 -1.21
N SER C 264 -13.65 28.67 -2.40
CA SER C 264 -14.43 27.85 -3.32
C SER C 264 -14.12 28.27 -4.74
N HIS C 265 -14.47 27.40 -5.68
CA HIS C 265 -14.39 27.70 -7.10
C HIS C 265 -15.56 27.04 -7.80
N ASP C 266 -15.94 27.62 -8.95
CA ASP C 266 -17.09 27.10 -9.68
C ASP C 266 -16.78 25.79 -10.40
N ASN C 267 -15.51 25.55 -10.74
CA ASN C 267 -15.12 24.35 -11.45
C ASN C 267 -14.79 23.17 -10.54
N ILE C 268 -14.98 23.32 -9.23
CA ILE C 268 -14.77 22.24 -8.28
C ILE C 268 -16.12 21.95 -7.63
N ILE C 269 -16.65 20.75 -7.86
CA ILE C 269 -17.94 20.35 -7.34
C ILE C 269 -17.82 19.16 -6.39
N CYS C 270 -16.60 18.75 -6.06
CA CYS C 270 -16.35 17.58 -5.24
C CYS C 270 -15.93 18.01 -3.84
N GLY C 271 -16.11 17.09 -2.88
CA GLY C 271 -15.89 17.39 -1.49
C GLY C 271 -14.43 17.50 -1.11
N ILE C 272 -14.21 17.72 0.18
CA ILE C 272 -12.89 17.92 0.76
C ILE C 272 -12.68 16.87 1.83
N THR C 273 -11.63 16.07 1.67
CA THR C 273 -11.33 14.99 2.61
C THR C 273 -10.33 15.40 3.69
N SER C 274 -9.45 16.35 3.40
CA SER C 274 -8.42 16.76 4.35
C SER C 274 -8.15 18.25 4.19
N VAL C 275 -7.74 18.88 5.30
CA VAL C 275 -7.35 20.28 5.29
C VAL C 275 -6.14 20.43 6.21
N SER C 276 -5.25 21.36 5.84
CA SER C 276 -4.09 21.68 6.66
C SER C 276 -3.58 23.06 6.29
N PHE C 277 -2.75 23.61 7.18
CA PHE C 277 -2.11 24.90 6.99
C PHE C 277 -0.61 24.70 6.82
N SER C 278 0.07 25.76 6.37
CA SER C 278 1.53 25.78 6.37
C SER C 278 2.03 26.14 7.77
N LYS C 279 3.33 26.39 7.89
CA LYS C 279 3.90 26.75 9.19
C LYS C 279 3.43 28.12 9.63
N SER C 280 3.48 29.09 8.73
CA SER C 280 3.02 30.45 9.03
C SER C 280 1.51 30.59 8.94
N GLY C 281 0.80 29.56 8.48
CA GLY C 281 -0.62 29.62 8.30
C GLY C 281 -1.07 30.35 7.05
N ARG C 282 -0.14 30.81 6.22
CA ARG C 282 -0.51 31.60 5.05
C ARG C 282 -1.13 30.71 3.97
N LEU C 283 -0.65 29.48 3.84
CA LEU C 283 -1.10 28.60 2.78
C LEU C 283 -1.98 27.52 3.38
N LEU C 284 -3.22 27.44 2.90
CA LEU C 284 -4.17 26.43 3.34
C LEU C 284 -4.23 25.35 2.27
N LEU C 285 -3.85 24.13 2.64
CA LEU C 285 -3.80 23.02 1.70
C LEU C 285 -4.99 22.12 1.97
N ALA C 286 -5.77 21.83 0.93
CA ALA C 286 -6.98 21.03 1.05
C ALA C 286 -6.96 19.91 0.03
N GLY C 287 -7.23 18.68 0.49
CA GLY C 287 -7.34 17.54 -0.39
C GLY C 287 -8.78 17.36 -0.85
N TYR C 288 -8.95 17.21 -2.16
CA TYR C 288 -10.26 17.11 -2.77
C TYR C 288 -10.49 15.71 -3.32
N ASP C 289 -11.68 15.51 -3.87
CA ASP C 289 -12.07 14.23 -4.45
C ASP C 289 -11.72 14.13 -5.93
N ASP C 290 -11.25 15.22 -6.53
CA ASP C 290 -10.97 15.28 -7.97
C ASP C 290 -9.54 14.89 -8.30
N PHE C 291 -8.94 14.02 -7.50
CA PHE C 291 -7.62 13.40 -7.65
C PHE C 291 -6.49 14.39 -7.35
N ASN C 292 -6.80 15.60 -6.90
CA ASN C 292 -5.80 16.64 -6.72
C ASN C 292 -5.92 17.26 -5.34
N CYS C 293 -4.86 17.95 -4.94
CA CYS C 293 -4.86 18.78 -3.74
C CYS C 293 -4.70 20.24 -4.16
N ASN C 294 -5.50 21.12 -3.58
CA ASN C 294 -5.43 22.54 -3.88
C ASN C 294 -4.73 23.28 -2.75
N VAL C 295 -4.09 24.38 -3.12
CA VAL C 295 -3.31 25.20 -2.20
C VAL C 295 -3.88 26.61 -2.33
N TRP C 296 -4.68 27.01 -1.36
CA TRP C 296 -5.26 28.35 -1.30
C TRP C 296 -4.38 29.28 -0.47
N ASP C 297 -4.43 30.56 -0.81
CA ASP C 297 -3.89 31.57 0.08
C ASP C 297 -4.94 31.88 1.13
N ALA C 298 -4.59 31.68 2.41
CA ALA C 298 -5.58 31.73 3.48
C ALA C 298 -6.10 33.13 3.75
N LEU C 299 -5.39 34.17 3.29
CA LEU C 299 -5.83 35.53 3.54
C LEU C 299 -6.54 36.17 2.36
N LYS C 300 -6.37 35.63 1.14
CA LYS C 300 -6.88 36.28 -0.06
C LYS C 300 -7.86 35.44 -0.86
N ALA C 301 -8.09 34.18 -0.47
CA ALA C 301 -9.04 33.26 -1.13
C ALA C 301 -8.72 33.09 -2.62
N ASP C 302 -7.47 32.74 -2.91
CA ASP C 302 -6.99 32.53 -4.26
C ASP C 302 -6.39 31.14 -4.38
N ARG C 303 -6.66 30.46 -5.49
CA ARG C 303 -6.05 29.16 -5.76
C ARG C 303 -4.59 29.37 -6.13
N ALA C 304 -3.71 29.29 -5.15
CA ALA C 304 -2.30 29.57 -5.39
C ALA C 304 -1.59 28.42 -6.09
N GLY C 305 -1.94 27.18 -5.77
CA GLY C 305 -1.22 26.06 -6.35
C GLY C 305 -2.06 24.80 -6.42
N VAL C 306 -1.58 23.84 -7.21
CA VAL C 306 -2.22 22.55 -7.39
C VAL C 306 -1.16 21.46 -7.29
N LEU C 307 -1.36 20.50 -6.39
CA LEU C 307 -0.56 19.29 -6.32
C LEU C 307 -1.36 18.19 -7.02
N ALA C 308 -0.86 17.74 -8.17
CA ALA C 308 -1.54 16.75 -9.00
C ALA C 308 -0.57 15.61 -9.28
N GLY C 309 -0.59 14.59 -8.42
CA GLY C 309 0.28 13.45 -8.61
C GLY C 309 -0.36 12.12 -8.25
N HIS C 310 -1.63 12.16 -7.86
CA HIS C 310 -2.36 10.96 -7.47
C HIS C 310 -3.47 10.69 -8.48
N ASP C 311 -3.58 9.43 -8.90
CA ASP C 311 -4.62 9.00 -9.83
C ASP C 311 -5.80 8.34 -9.12
N ASN C 312 -6.06 8.74 -7.88
CA ASN C 312 -7.25 8.33 -7.16
C ASN C 312 -7.59 9.42 -6.15
N ARG C 313 -8.54 9.12 -5.28
CA ARG C 313 -9.09 10.10 -4.34
C ARG C 313 -8.06 10.44 -3.26
N VAL C 314 -7.69 11.71 -3.17
CA VAL C 314 -6.75 12.15 -2.14
C VAL C 314 -7.46 12.13 -0.79
N SER C 315 -6.90 11.38 0.16
CA SER C 315 -7.60 11.10 1.41
C SER C 315 -7.01 11.79 2.63
N CYS C 316 -5.70 12.06 2.65
CA CYS C 316 -5.10 12.62 3.85
C CYS C 316 -3.96 13.56 3.48
N LEU C 317 -3.81 14.61 4.29
CA LEU C 317 -2.77 15.61 4.12
C LEU C 317 -1.99 15.75 5.42
N GLY C 318 -0.76 16.22 5.30
CA GLY C 318 0.03 16.52 6.48
C GLY C 318 1.15 17.50 6.20
N VAL C 319 1.32 18.48 7.07
CA VAL C 319 2.39 19.46 6.96
C VAL C 319 3.26 19.34 8.20
N THR C 320 4.58 19.31 7.99
CA THR C 320 5.52 19.09 9.07
C THR C 320 5.54 20.26 10.04
N ASP C 321 5.99 19.98 11.27
CA ASP C 321 6.17 21.03 12.25
C ASP C 321 7.27 21.99 11.83
N ASP C 322 8.26 21.51 11.07
CA ASP C 322 9.26 22.38 10.49
C ASP C 322 8.74 23.15 9.29
N GLY C 323 7.64 22.72 8.69
CA GLY C 323 7.10 23.38 7.52
C GLY C 323 7.84 23.10 6.24
N MET C 324 8.75 22.13 6.23
CA MET C 324 9.59 21.91 5.07
C MET C 324 8.82 21.24 3.94
N ALA C 325 7.99 20.25 4.26
CA ALA C 325 7.36 19.44 3.22
C ALA C 325 5.90 19.17 3.57
N VAL C 326 5.15 18.76 2.56
CA VAL C 326 3.76 18.35 2.70
C VAL C 326 3.64 16.92 2.18
N ALA C 327 3.14 16.03 3.00
CA ALA C 327 2.89 14.67 2.57
C ALA C 327 1.41 14.49 2.28
N THR C 328 1.12 13.75 1.20
CA THR C 328 -0.23 13.56 0.71
C THR C 328 -0.45 12.08 0.47
N GLY C 329 -1.50 11.53 1.06
CA GLY C 329 -1.86 10.13 0.88
C GLY C 329 -3.22 10.03 0.23
N SER C 330 -3.37 9.05 -0.65
CA SER C 330 -4.56 8.94 -1.48
C SER C 330 -5.01 7.49 -1.54
N TRP C 331 -6.02 7.24 -2.35
CA TRP C 331 -6.62 5.92 -2.48
C TRP C 331 -5.88 5.02 -3.45
N ASP C 332 -4.83 5.51 -4.11
CA ASP C 332 -4.07 4.71 -5.06
C ASP C 332 -2.88 4.02 -4.44
N SER C 333 -2.93 3.76 -3.12
CA SER C 333 -1.94 2.97 -2.37
C SER C 333 -0.55 3.60 -2.36
N PHE C 334 -0.44 4.88 -2.71
CA PHE C 334 0.82 5.60 -2.67
C PHE C 334 0.63 6.91 -1.93
N LEU C 335 1.67 7.33 -1.23
CA LEU C 335 1.69 8.64 -0.61
C LEU C 335 3.01 9.31 -0.93
N LYS C 336 2.96 10.62 -1.17
CA LYS C 336 4.08 11.34 -1.74
C LYS C 336 4.43 12.55 -0.88
N ILE C 337 5.71 12.86 -0.86
CA ILE C 337 6.24 14.04 -0.19
C ILE C 337 6.43 15.13 -1.23
N TRP C 338 6.02 16.34 -0.90
CA TRP C 338 6.02 17.46 -1.83
C TRP C 338 6.73 18.64 -1.20
N ASN C 339 7.55 19.31 -2.00
CA ASN C 339 8.23 20.52 -1.54
C ASN C 339 8.53 21.37 -2.77
N GLN D 11 -32.26 17.63 28.12
CA GLN D 11 -33.59 18.06 27.75
C GLN D 11 -33.55 19.42 27.05
N ALA D 12 -34.75 19.94 26.72
CA ALA D 12 -34.83 21.24 26.07
C ALA D 12 -34.40 22.36 27.01
N ARG D 13 -34.62 22.21 28.32
CA ARG D 13 -34.18 23.21 29.27
C ARG D 13 -32.65 23.32 29.29
N LYS D 14 -31.96 22.17 29.31
CA LYS D 14 -30.51 22.20 29.25
C LYS D 14 -30.01 22.67 27.88
N LEU D 15 -30.74 22.30 26.82
CA LEU D 15 -30.34 22.69 25.47
C LEU D 15 -30.43 24.19 25.28
N VAL D 16 -31.42 24.84 25.91
CA VAL D 16 -31.48 26.29 25.81
C VAL D 16 -30.58 26.95 26.85
N GLU D 17 -30.32 26.29 27.98
CA GLU D 17 -29.49 26.88 29.02
C GLU D 17 -28.03 26.96 28.60
N GLN D 18 -27.50 25.88 28.01
CA GLN D 18 -26.12 25.91 27.56
C GLN D 18 -25.92 26.91 26.42
N LEU D 19 -26.88 27.01 25.51
CA LEU D 19 -26.74 27.90 24.38
C LEU D 19 -26.92 29.36 24.81
N LYS D 20 -27.73 29.61 25.84
CA LYS D 20 -27.80 30.95 26.42
C LYS D 20 -26.57 31.28 27.24
N MET D 21 -25.93 30.27 27.84
CA MET D 21 -24.68 30.50 28.55
C MET D 21 -23.56 30.88 27.58
N GLU D 22 -23.51 30.23 26.43
CA GLU D 22 -22.53 30.62 25.42
C GLU D 22 -22.98 31.81 24.59
N ALA D 23 -24.23 32.27 24.77
CA ALA D 23 -24.67 33.48 24.08
C ALA D 23 -23.89 34.71 24.52
N ASN D 24 -23.65 34.86 25.81
CA ASN D 24 -23.06 36.08 26.36
C ASN D 24 -21.55 35.91 26.48
N ILE D 25 -20.84 36.25 25.41
CA ILE D 25 -19.38 36.25 25.39
C ILE D 25 -18.90 37.56 24.79
N ASP D 26 -17.64 37.88 25.07
CA ASP D 26 -17.02 39.10 24.57
C ASP D 26 -16.49 38.85 23.16
N ARG D 27 -17.04 39.57 22.18
CA ARG D 27 -16.68 39.40 20.78
C ARG D 27 -15.97 40.66 20.29
N ILE D 28 -14.75 40.49 19.79
CA ILE D 28 -14.04 41.57 19.13
C ILE D 28 -14.54 41.65 17.69
N LYS D 29 -14.23 42.74 17.01
CA LYS D 29 -14.73 42.91 15.65
C LYS D 29 -13.89 42.10 14.67
N VAL D 30 -14.40 42.03 13.43
CA VAL D 30 -13.70 41.32 12.36
C VAL D 30 -12.43 42.05 11.94
N SER D 31 -12.38 43.37 12.16
CA SER D 31 -11.17 44.13 11.86
C SER D 31 -10.00 43.69 12.73
N LYS D 32 -10.26 43.45 14.02
CA LYS D 32 -9.22 42.95 14.91
C LYS D 32 -8.76 41.55 14.50
N ALA D 33 -9.70 40.70 14.09
CA ALA D 33 -9.36 39.35 13.62
C ALA D 33 -8.49 39.38 12.38
N ALA D 34 -8.88 40.19 11.39
CA ALA D 34 -8.11 40.31 10.16
C ALA D 34 -6.73 40.90 10.42
N ALA D 35 -6.66 41.90 11.30
CA ALA D 35 -5.37 42.49 11.66
C ALA D 35 -4.47 41.48 12.37
N ASP D 36 -5.04 40.66 13.25
CA ASP D 36 -4.27 39.67 13.97
C ASP D 36 -3.76 38.57 13.03
N LEU D 37 -4.60 38.13 12.09
CA LEU D 37 -4.16 37.10 11.14
C LEU D 37 -3.10 37.64 10.19
N MET D 38 -3.26 38.89 9.72
CA MET D 38 -2.23 39.54 8.91
C MET D 38 -0.92 39.68 9.67
N ALA D 39 -0.98 40.10 10.94
CA ALA D 39 0.22 40.27 11.73
C ALA D 39 0.92 38.93 11.98
N TYR D 40 0.15 37.88 12.26
CA TYR D 40 0.75 36.57 12.49
C TYR D 40 1.39 36.02 11.22
N CYS D 41 0.73 36.18 10.07
CA CYS D 41 1.31 35.68 8.83
C CYS D 41 2.53 36.49 8.41
N GLU D 42 2.53 37.80 8.68
CA GLU D 42 3.69 38.61 8.35
C GLU D 42 4.86 38.36 9.28
N ALA D 43 4.60 38.07 10.55
CA ALA D 43 5.68 37.87 11.51
C ALA D 43 6.35 36.51 11.42
N HIS D 44 5.78 35.57 10.66
CA HIS D 44 6.35 34.23 10.53
C HIS D 44 6.56 33.83 9.08
N ALA D 45 6.62 34.80 8.17
CA ALA D 45 6.69 34.48 6.75
C ALA D 45 8.07 33.96 6.35
N LYS D 46 9.14 34.53 6.92
CA LYS D 46 10.48 34.08 6.61
C LYS D 46 10.78 32.69 7.17
N GLU D 47 10.03 32.25 8.17
CA GLU D 47 10.19 30.92 8.75
C GLU D 47 9.31 29.88 8.08
N ASP D 48 8.63 30.23 6.99
CA ASP D 48 7.77 29.29 6.28
C ASP D 48 8.50 28.78 5.05
N PRO D 49 8.94 27.51 5.03
CA PRO D 49 9.64 26.99 3.84
C PRO D 49 8.77 26.79 2.62
N LEU D 50 7.44 26.80 2.77
CA LEU D 50 6.55 26.53 1.65
C LEU D 50 6.15 27.79 0.89
N LEU D 51 6.54 28.98 1.37
CA LEU D 51 6.27 30.19 0.61
C LEU D 51 7.22 30.32 -0.57
N THR D 52 8.52 30.37 -0.30
CA THR D 52 9.53 30.41 -1.34
C THR D 52 10.28 29.08 -1.38
N PRO D 53 10.70 28.62 -2.56
CA PRO D 53 11.48 27.38 -2.63
C PRO D 53 12.85 27.56 -2.01
N VAL D 54 13.14 26.74 -1.01
CA VAL D 54 14.42 26.79 -0.28
C VAL D 54 15.54 26.32 -1.20
N PRO D 55 16.76 26.82 -1.01
CA PRO D 55 17.89 26.30 -1.80
C PRO D 55 18.17 24.84 -1.45
N ALA D 56 18.71 24.12 -2.44
CA ALA D 56 18.90 22.68 -2.30
C ALA D 56 19.96 22.31 -1.27
N SER D 57 20.87 23.23 -0.92
CA SER D 57 21.88 22.93 0.07
C SER D 57 21.27 22.79 1.47
N GLU D 58 20.34 23.68 1.82
CA GLU D 58 19.71 23.65 3.12
C GLU D 58 18.41 22.85 3.13
N ASN D 59 17.98 22.33 1.99
CA ASN D 59 16.73 21.58 1.92
C ASN D 59 17.02 20.09 2.02
N PRO D 60 16.47 19.37 3.00
CA PRO D 60 16.70 17.92 3.07
C PRO D 60 16.05 17.14 1.94
N PHE D 61 15.09 17.72 1.22
CA PHE D 61 14.47 17.04 0.10
C PHE D 61 14.91 17.64 -1.23
N VAL E 2 15.12 -9.86 28.60
CA VAL E 2 16.19 -9.95 27.60
C VAL E 2 17.37 -10.73 28.16
N GLN E 3 17.70 -11.85 27.52
CA GLN E 3 18.80 -12.70 27.96
C GLN E 3 19.57 -13.19 26.75
N LEU E 4 20.90 -13.14 26.85
CA LEU E 4 21.81 -13.67 25.84
C LEU E 4 22.82 -14.55 26.57
N VAL E 5 22.58 -15.86 26.58
CA VAL E 5 23.42 -16.78 27.33
C VAL E 5 24.34 -17.50 26.34
N GLU E 6 25.65 -17.29 26.51
CA GLU E 6 26.64 -17.81 25.59
C GLU E 6 27.36 -19.00 26.24
N SER E 7 27.50 -20.08 25.48
CA SER E 7 28.16 -21.29 25.95
C SER E 7 29.03 -21.85 24.82
N GLY E 8 29.78 -22.89 25.16
CA GLY E 8 30.66 -23.57 24.22
C GLY E 8 32.14 -23.38 24.48
N GLY E 9 32.51 -22.38 25.28
CA GLY E 9 33.91 -22.10 25.51
C GLY E 9 34.59 -23.12 26.40
N GLY E 10 35.92 -23.08 26.38
CA GLY E 10 36.71 -24.03 27.14
C GLY E 10 38.17 -23.96 26.74
N LEU E 11 38.90 -25.02 27.07
CA LEU E 11 40.32 -25.11 26.76
C LEU E 11 40.51 -26.00 25.54
N VAL E 12 41.22 -25.48 24.54
CA VAL E 12 41.45 -26.20 23.29
C VAL E 12 42.93 -26.07 22.92
N GLN E 13 43.52 -27.14 22.41
CA GLN E 13 44.89 -27.10 21.94
C GLN E 13 44.96 -26.35 20.61
N PRO E 14 46.08 -25.67 20.33
CA PRO E 14 46.20 -24.91 19.08
C PRO E 14 46.14 -25.81 17.85
N GLY E 15 45.54 -25.29 16.79
CA GLY E 15 45.27 -26.09 15.61
C GLY E 15 43.98 -26.87 15.66
N GLY E 16 43.03 -26.48 16.50
CA GLY E 16 41.75 -27.14 16.61
C GLY E 16 40.60 -26.29 16.10
N SER E 17 39.39 -26.77 16.38
CA SER E 17 38.15 -26.11 16.01
C SER E 17 37.22 -26.09 17.22
N ARG E 18 36.34 -25.09 17.27
CA ARG E 18 35.47 -24.92 18.42
C ARG E 18 34.18 -24.22 17.99
N LYS E 19 33.07 -24.65 18.57
CA LYS E 19 31.73 -24.16 18.26
C LYS E 19 31.18 -23.40 19.46
N LEU E 20 31.07 -22.08 19.32
CA LEU E 20 30.41 -21.25 20.33
C LEU E 20 28.96 -21.01 19.94
N SER E 21 28.11 -20.90 20.95
CA SER E 21 26.69 -20.69 20.74
C SER E 21 26.20 -19.64 21.71
N CYS E 22 25.10 -18.98 21.35
CA CYS E 22 24.41 -18.06 22.24
C CYS E 22 22.92 -18.21 22.05
N SER E 23 22.22 -18.53 23.13
CA SER E 23 20.77 -18.59 23.14
C SER E 23 20.21 -17.24 23.52
N ALA E 24 19.25 -16.76 22.73
CA ALA E 24 18.61 -15.46 22.93
C ALA E 24 17.17 -15.66 23.36
N SER E 25 16.78 -14.97 24.43
CA SER E 25 15.41 -15.04 24.92
C SER E 25 14.98 -13.65 25.37
N GLY E 26 13.67 -13.48 25.51
CA GLY E 26 13.13 -12.23 26.01
C GLY E 26 13.00 -11.11 25.01
N PHE E 27 13.30 -11.36 23.74
CA PHE E 27 13.16 -10.33 22.71
C PHE E 27 13.02 -11.01 21.36
N ALA E 28 12.56 -10.24 20.38
CA ALA E 28 12.39 -10.73 19.02
C ALA E 28 13.76 -10.88 18.38
N PHE E 29 14.26 -12.11 18.33
CA PHE E 29 15.65 -12.36 17.93
C PHE E 29 15.88 -12.10 16.44
N SER E 30 14.87 -12.35 15.60
CA SER E 30 15.07 -12.23 14.16
C SER E 30 15.16 -10.78 13.70
N SER E 31 14.69 -9.83 14.50
CA SER E 31 14.74 -8.42 14.13
C SER E 31 16.07 -7.76 14.42
N PHE E 32 17.02 -8.48 15.03
CA PHE E 32 18.27 -7.90 15.47
C PHE E 32 19.44 -8.46 14.68
N GLY E 33 20.28 -7.57 14.17
CA GLY E 33 21.61 -7.96 13.78
C GLY E 33 22.44 -8.34 15.00
N MET E 34 23.41 -9.22 14.79
CA MET E 34 24.07 -9.85 15.92
C MET E 34 25.58 -9.77 15.72
N HIS E 35 26.31 -9.59 16.82
CA HIS E 35 27.74 -9.30 16.80
C HIS E 35 28.47 -10.21 17.77
N TRP E 36 29.69 -10.57 17.39
CA TRP E 36 30.65 -11.23 18.26
C TRP E 36 31.81 -10.28 18.51
N VAL E 37 32.06 -9.97 19.78
CA VAL E 37 33.14 -9.09 20.20
C VAL E 37 33.91 -9.78 21.32
N ARG E 38 35.22 -9.92 21.16
CA ARG E 38 36.00 -10.63 22.17
C ARG E 38 36.89 -9.67 22.95
N GLN E 39 37.35 -10.14 24.10
CA GLN E 39 38.24 -9.38 24.97
C GLN E 39 39.33 -10.32 25.47
N ALA E 40 40.58 -9.93 25.25
CA ALA E 40 41.73 -10.68 25.76
C ALA E 40 41.74 -10.63 27.28
N PRO E 41 42.41 -11.60 27.94
CA PRO E 41 42.32 -11.71 29.41
C PRO E 41 42.73 -10.48 30.20
N GLU E 42 43.70 -9.69 29.72
CA GLU E 42 44.10 -8.48 30.41
C GLU E 42 44.08 -7.26 29.50
N LYS E 43 43.37 -7.34 28.38
CA LYS E 43 43.36 -6.26 27.41
C LYS E 43 41.92 -5.80 27.15
N GLY E 44 41.76 -4.93 26.15
CA GLY E 44 40.47 -4.35 25.84
C GLY E 44 39.65 -5.19 24.88
N LEU E 45 38.56 -4.59 24.41
CA LEU E 45 37.62 -5.28 23.54
C LEU E 45 38.13 -5.34 22.11
N GLU E 46 37.61 -6.30 21.36
CA GLU E 46 37.95 -6.44 19.95
C GLU E 46 36.77 -7.05 19.20
N TRP E 47 36.32 -6.36 18.15
CA TRP E 47 35.23 -6.85 17.34
C TRP E 47 35.69 -8.04 16.49
N VAL E 48 34.83 -9.06 16.40
CA VAL E 48 35.14 -10.27 15.66
C VAL E 48 34.24 -10.43 14.43
N ALA E 49 32.92 -10.48 14.64
CA ALA E 49 32.06 -10.88 13.53
C ALA E 49 30.70 -10.24 13.64
N TYR E 50 29.98 -10.23 12.52
CA TYR E 50 28.65 -9.63 12.45
C TYR E 50 27.80 -10.39 11.45
N ILE E 51 26.55 -10.65 11.82
CA ILE E 51 25.55 -11.19 10.91
C ILE E 51 24.32 -10.28 10.94
N SER E 52 23.71 -10.08 9.78
CA SER E 52 22.57 -9.19 9.67
C SER E 52 21.28 -9.92 9.95
N SER E 53 20.19 -9.16 10.02
CA SER E 53 18.87 -9.75 10.13
C SER E 53 18.52 -10.45 8.82
N GLY E 54 18.02 -11.68 8.92
CA GLY E 54 17.78 -12.48 7.74
C GLY E 54 19.02 -13.10 7.13
N SER E 55 20.17 -13.00 7.83
CA SER E 55 21.45 -13.57 7.39
C SER E 55 21.87 -13.05 6.02
N GLY E 56 21.59 -11.78 5.75
CA GLY E 56 21.88 -11.21 4.45
C GLY E 56 23.30 -10.70 4.33
N THR E 57 23.79 -10.04 5.37
CA THR E 57 25.13 -9.47 5.38
C THR E 57 25.94 -10.08 6.50
N ILE E 58 27.12 -10.60 6.15
CA ILE E 58 28.02 -11.25 7.10
C ILE E 58 29.39 -10.60 6.95
N TYR E 59 29.92 -10.09 8.06
CA TYR E 59 31.20 -9.39 8.06
C TYR E 59 32.14 -10.00 9.10
N TYR E 60 33.42 -10.07 8.77
CA TYR E 60 34.44 -10.60 9.65
C TYR E 60 35.54 -9.57 9.84
N ALA E 61 36.32 -9.74 10.91
CA ALA E 61 37.51 -8.94 11.11
C ALA E 61 38.66 -9.49 10.26
N ASP E 62 39.71 -8.69 10.14
CA ASP E 62 40.83 -9.07 9.29
C ASP E 62 41.65 -10.21 9.88
N THR E 63 41.63 -10.40 11.19
CA THR E 63 42.42 -11.43 11.86
C THR E 63 41.69 -12.75 11.99
N VAL E 64 40.46 -12.86 11.47
CA VAL E 64 39.68 -14.08 11.58
C VAL E 64 39.10 -14.52 10.24
N LYS E 65 39.42 -13.84 9.15
CA LYS E 65 38.84 -14.18 7.86
C LYS E 65 39.46 -15.45 7.29
N GLY E 66 38.62 -16.31 6.74
CA GLY E 66 39.05 -17.58 6.20
C GLY E 66 39.03 -18.72 7.19
N ARG E 67 38.81 -18.45 8.48
CA ARG E 67 38.79 -19.50 9.48
C ARG E 67 37.64 -19.38 10.47
N PHE E 68 36.93 -18.26 10.55
CA PHE E 68 35.81 -18.09 11.44
C PHE E 68 34.53 -18.03 10.63
N THR E 69 33.45 -18.57 11.19
CA THR E 69 32.14 -18.58 10.55
C THR E 69 31.09 -18.14 11.56
N ILE E 70 30.19 -17.26 11.15
CA ILE E 70 29.09 -16.81 12.01
C ILE E 70 27.78 -17.15 11.32
N SER E 71 26.88 -17.79 12.06
CA SER E 71 25.58 -18.21 11.54
C SER E 71 24.52 -18.02 12.60
N ARG E 72 23.27 -18.25 12.20
CA ARG E 72 22.15 -18.10 13.12
C ARG E 72 21.00 -19.00 12.67
N ASP E 73 20.18 -19.41 13.63
CA ASP E 73 18.87 -19.98 13.33
C ASP E 73 17.83 -19.26 14.17
N ASP E 74 16.92 -18.56 13.51
CA ASP E 74 15.87 -17.76 14.12
C ASP E 74 14.70 -18.59 14.67
N PRO E 75 14.26 -19.69 14.03
CA PRO E 75 13.32 -20.57 14.75
C PRO E 75 13.85 -21.13 16.05
N LYS E 76 15.13 -21.46 16.13
CA LYS E 76 15.72 -21.93 17.37
C LYS E 76 16.28 -20.80 18.23
N ASN E 77 16.27 -19.57 17.73
CA ASN E 77 16.70 -18.37 18.45
C ASN E 77 18.13 -18.49 18.96
N THR E 78 19.03 -18.93 18.09
CA THR E 78 20.39 -19.19 18.52
C THR E 78 21.38 -18.62 17.51
N LEU E 79 22.50 -18.10 18.02
CA LEU E 79 23.60 -17.61 17.21
C LEU E 79 24.80 -18.54 17.37
N PHE E 80 25.56 -18.73 16.30
CA PHE E 80 26.62 -19.72 16.26
C PHE E 80 27.90 -19.09 15.71
N LEU E 81 29.04 -19.52 16.25
CA LEU E 81 30.36 -19.13 15.76
C LEU E 81 31.25 -20.36 15.69
N GLN E 82 31.58 -20.78 14.46
CA GLN E 82 32.61 -21.78 14.22
C GLN E 82 33.97 -21.11 14.18
N MET E 83 34.96 -21.76 14.81
CA MET E 83 36.34 -21.32 14.70
C MET E 83 37.20 -22.51 14.32
N THR E 84 38.11 -22.32 13.37
CA THR E 84 38.93 -23.39 12.81
C THR E 84 40.38 -22.93 12.81
N SER E 85 41.30 -23.86 13.09
CA SER E 85 42.74 -23.62 13.17
C SER E 85 43.05 -22.52 14.19
N LEU E 86 42.72 -22.83 15.44
CA LEU E 86 42.76 -21.83 16.50
C LEU E 86 44.19 -21.51 16.92
N ARG E 87 44.50 -20.23 16.98
CA ARG E 87 45.81 -19.74 17.37
C ARG E 87 45.83 -19.37 18.85
N SER E 88 47.03 -19.14 19.37
CA SER E 88 47.17 -18.69 20.74
C SER E 88 46.68 -17.26 20.94
N GLU E 89 46.54 -16.50 19.87
CA GLU E 89 46.00 -15.14 19.94
C GLU E 89 44.49 -15.13 20.03
N ASP E 90 43.83 -16.27 19.94
CA ASP E 90 42.38 -16.37 20.05
C ASP E 90 41.91 -16.62 21.47
N THR E 91 42.83 -16.68 22.43
CA THR E 91 42.48 -16.89 23.83
C THR E 91 41.82 -15.62 24.36
N ALA E 92 40.50 -15.68 24.54
CA ALA E 92 39.74 -14.49 24.90
C ALA E 92 38.38 -14.90 25.46
N MET E 93 37.70 -13.92 26.05
CA MET E 93 36.30 -14.06 26.44
C MET E 93 35.44 -13.41 25.38
N TYR E 94 34.48 -14.17 24.86
CA TYR E 94 33.67 -13.75 23.73
C TYR E 94 32.30 -13.30 24.22
N TYR E 95 31.86 -12.14 23.73
CA TYR E 95 30.58 -11.54 24.06
C TYR E 95 29.69 -11.54 22.82
N CYS E 96 28.43 -11.87 23.03
CA CYS E 96 27.42 -11.88 21.98
C CYS E 96 26.53 -10.65 22.19
N VAL E 97 26.43 -9.80 21.18
CA VAL E 97 25.81 -8.49 21.30
C VAL E 97 24.67 -8.39 20.29
N ARG E 98 23.53 -7.89 20.74
CA ARG E 98 22.42 -7.61 19.83
C ARG E 98 22.43 -6.14 19.46
N SER E 99 22.07 -5.85 18.21
CA SER E 99 22.05 -4.48 17.72
C SER E 99 21.03 -4.37 16.60
N ILE E 100 20.28 -3.28 16.59
CA ILE E 100 19.21 -3.08 15.63
C ILE E 100 19.41 -1.72 14.98
N TYR E 101 19.06 -1.62 13.70
CA TYR E 101 19.40 -0.45 12.90
C TYR E 101 18.16 0.08 12.21
N TYR E 102 17.64 1.19 12.72
CA TYR E 102 16.67 2.02 12.02
C TYR E 102 16.91 3.45 12.48
N TYR E 103 16.01 4.36 12.14
CA TYR E 103 16.16 5.74 12.56
C TYR E 103 15.81 5.87 14.04
N GLY E 104 16.77 6.33 14.83
CA GLY E 104 16.57 6.48 16.26
C GLY E 104 16.81 5.24 17.08
N SER E 105 17.35 4.19 16.50
CA SER E 105 17.58 2.96 17.25
C SER E 105 18.80 3.12 18.17
N SER E 106 18.94 2.16 19.09
CA SER E 106 20.05 2.13 20.04
C SER E 106 20.77 0.78 19.87
N PRO E 107 21.68 0.68 18.91
CA PRO E 107 22.43 -0.57 18.73
C PRO E 107 23.45 -0.76 19.84
N PHE E 108 23.91 -2.01 19.94
CA PHE E 108 24.84 -2.46 20.99
C PHE E 108 24.26 -2.20 22.38
N ASP E 109 22.94 -2.35 22.51
CA ASP E 109 22.28 -1.99 23.77
C ASP E 109 22.42 -3.09 24.81
N PHE E 110 22.28 -4.35 24.40
CA PHE E 110 22.39 -5.47 25.32
C PHE E 110 23.58 -6.33 24.94
N TRP E 111 24.37 -6.68 25.94
CA TRP E 111 25.54 -7.54 25.77
C TRP E 111 25.31 -8.81 26.58
N GLY E 112 25.68 -9.94 26.01
CA GLY E 112 25.50 -11.19 26.69
C GLY E 112 26.56 -11.45 27.73
N GLN E 113 26.34 -12.51 28.52
CA GLN E 113 27.35 -13.04 29.41
C GLN E 113 28.29 -13.90 28.57
N GLY E 114 29.54 -13.48 28.44
CA GLY E 114 30.44 -14.11 27.50
C GLY E 114 30.91 -15.48 27.94
N THR E 115 31.63 -16.13 27.04
CA THR E 115 32.21 -17.43 27.31
C THR E 115 33.70 -17.41 27.03
N THR E 116 34.45 -18.15 27.81
CA THR E 116 35.90 -18.12 27.72
C THR E 116 36.40 -19.14 26.70
N LEU E 117 37.55 -18.82 26.09
CA LEU E 117 38.23 -19.74 25.17
C LEU E 117 39.72 -19.59 25.41
N THR E 118 40.34 -20.65 25.91
CA THR E 118 41.77 -20.70 26.17
C THR E 118 42.39 -21.62 25.13
N VAL E 119 43.08 -21.04 24.16
CA VAL E 119 43.73 -21.79 23.09
C VAL E 119 45.22 -21.76 23.39
N SER E 120 45.68 -22.79 24.10
CA SER E 120 47.09 -22.91 24.44
C SER E 120 47.48 -24.37 24.64
N SER E 136 44.71 1.54 7.36
CA SER E 136 43.43 1.83 6.71
C SER E 136 42.31 1.96 7.74
N ASP E 137 42.37 1.11 8.77
CA ASP E 137 41.35 1.13 9.81
C ASP E 137 41.50 2.35 10.70
N ILE E 138 40.37 2.84 11.19
CA ILE E 138 40.38 3.97 12.12
C ILE E 138 40.90 3.52 13.47
N VAL E 139 41.71 4.35 14.10
CA VAL E 139 42.34 4.04 15.38
C VAL E 139 41.69 4.89 16.45
N MET E 140 41.08 4.23 17.44
CA MET E 140 40.54 4.90 18.61
C MET E 140 41.60 4.90 19.70
N THR E 141 42.05 6.08 20.11
CA THR E 141 43.09 6.20 21.13
C THR E 141 42.50 6.82 22.39
N GLN E 142 42.47 6.05 23.47
CA GLN E 142 42.12 6.54 24.80
C GLN E 142 43.41 6.55 25.61
N ALA E 143 44.05 7.72 25.65
CA ALA E 143 45.43 7.82 26.15
C ALA E 143 45.52 7.54 27.64
N THR E 144 44.61 8.11 28.43
CA THR E 144 44.63 7.88 29.86
C THR E 144 44.14 6.46 30.17
N SER E 145 44.79 5.83 31.14
CA SER E 145 44.46 4.47 31.53
C SER E 145 44.09 4.32 32.99
N SER E 146 44.27 5.36 33.81
CA SER E 146 43.93 5.29 35.23
C SER E 146 43.65 6.71 35.70
N VAL E 147 42.39 7.00 36.00
CA VAL E 147 42.00 8.31 36.54
C VAL E 147 41.44 8.11 37.94
N PRO E 148 42.16 8.53 38.98
CA PRO E 148 41.63 8.37 40.35
C PRO E 148 40.43 9.28 40.60
N VAL E 149 39.52 8.77 41.43
CA VAL E 149 38.29 9.49 41.74
C VAL E 149 37.80 9.13 43.14
N PRO E 151 32.49 9.47 45.89
CA PRO E 151 33.32 10.68 45.96
C PRO E 151 32.53 11.96 45.71
N GLY E 152 31.50 11.87 44.88
CA GLY E 152 30.70 13.03 44.54
C GLY E 152 31.43 14.08 43.74
N GLU E 153 32.33 13.66 42.87
CA GLU E 153 33.10 14.56 42.03
C GLU E 153 32.69 14.41 40.57
N SER E 154 33.22 15.28 39.73
CA SER E 154 32.98 15.25 38.30
C SER E 154 34.24 14.76 37.59
N VAL E 155 34.08 13.80 36.69
CA VAL E 155 35.19 13.24 35.95
C VAL E 155 34.93 13.39 34.45
N SER E 156 36.00 13.41 33.68
CA SER E 156 35.93 13.52 32.23
C SER E 156 36.90 12.53 31.61
N ILE E 157 36.42 11.80 30.62
CA ILE E 157 37.20 10.78 29.92
C ILE E 157 37.26 11.15 28.44
N SER E 158 38.47 11.26 27.91
CA SER E 158 38.67 11.71 26.54
C SER E 158 39.01 10.54 25.63
N CYS E 159 38.47 10.58 24.41
CA CYS E 159 38.79 9.63 23.37
C CYS E 159 39.12 10.40 22.08
N ARG E 160 39.98 9.82 21.26
CA ARG E 160 40.44 10.46 20.04
C ARG E 160 40.31 9.50 18.88
N SER E 161 40.31 10.06 17.67
CA SER E 161 40.11 9.30 16.45
C SER E 161 41.27 9.50 15.48
N SER E 162 41.29 8.66 14.44
CA SER E 162 42.23 8.77 13.34
C SER E 162 41.64 9.48 12.14
N LYS E 163 40.34 9.30 11.89
CA LYS E 163 39.59 10.08 10.91
C LYS E 163 38.30 10.51 11.57
N SER E 164 37.67 11.55 11.00
CA SER E 164 36.49 12.13 11.61
C SER E 164 35.31 11.18 11.54
N LEU E 165 34.56 11.12 12.65
CA LEU E 165 33.39 10.24 12.78
C LEU E 165 32.08 10.95 12.46
N LEU E 166 32.12 12.19 12.00
CA LEU E 166 30.92 12.92 11.61
C LEU E 166 30.63 12.60 10.16
N HIS E 167 29.58 11.83 9.92
CA HIS E 167 29.16 11.48 8.58
C HIS E 167 28.42 12.65 7.94
N SER E 168 28.12 12.50 6.64
CA SER E 168 27.47 13.57 5.88
C SER E 168 26.01 13.76 6.28
N ASN E 169 25.40 12.82 6.99
CA ASN E 169 24.04 12.96 7.45
C ASN E 169 23.93 13.67 8.80
N GLY E 170 25.01 14.29 9.27
CA GLY E 170 24.98 15.00 10.53
C GLY E 170 24.96 14.11 11.75
N ASN E 171 25.41 12.87 11.60
CA ASN E 171 25.35 11.88 12.67
C ASN E 171 26.77 11.46 13.04
N THR E 172 27.15 11.66 14.29
CA THR E 172 28.49 11.34 14.76
C THR E 172 28.47 9.94 15.37
N TYR E 173 29.34 9.07 14.86
CA TYR E 173 29.14 7.63 15.00
C TYR E 173 30.04 7.08 16.11
N LEU E 174 29.82 7.56 17.33
CA LEU E 174 30.64 7.16 18.48
C LEU E 174 29.75 6.56 19.56
N TYR E 175 30.22 5.48 20.18
CA TYR E 175 29.50 4.79 21.23
C TYR E 175 30.40 4.70 22.46
N TRP E 176 29.78 4.80 23.64
CA TRP E 176 30.47 4.77 24.93
C TRP E 176 29.88 3.65 25.77
N PHE E 177 30.74 2.72 26.20
CA PHE E 177 30.38 1.59 27.03
C PHE E 177 31.11 1.68 28.37
N LEU E 178 30.49 1.13 29.40
CA LEU E 178 31.11 1.00 30.72
C LEU E 178 31.15 -0.47 31.11
N GLN E 179 32.31 -0.93 31.56
CA GLN E 179 32.50 -2.29 32.04
C GLN E 179 32.83 -2.22 33.52
N ARG E 180 31.84 -2.51 34.36
CA ARG E 180 32.07 -2.64 35.78
C ARG E 180 32.86 -3.92 36.08
N PRO E 181 33.59 -3.96 37.19
CA PRO E 181 34.43 -5.14 37.47
C PRO E 181 33.62 -6.41 37.66
N GLY E 182 33.96 -7.43 36.88
CA GLY E 182 33.27 -8.69 36.90
C GLY E 182 32.00 -8.75 36.09
N GLN E 183 31.67 -7.70 35.35
CA GLN E 183 30.42 -7.61 34.62
C GLN E 183 30.68 -7.33 33.15
N SER E 184 29.71 -7.72 32.32
CA SER E 184 29.80 -7.44 30.89
C SER E 184 29.58 -5.95 30.65
N PRO E 185 30.17 -5.39 29.59
CA PRO E 185 29.96 -3.97 29.30
C PRO E 185 28.53 -3.67 28.90
N GLN E 186 28.09 -2.46 29.24
CA GLN E 186 26.74 -2.01 28.95
C GLN E 186 26.79 -0.64 28.31
N LEU E 187 25.82 -0.37 27.45
CA LEU E 187 25.82 0.83 26.64
C LEU E 187 25.46 2.05 27.48
N LEU E 188 26.36 3.02 27.52
CA LEU E 188 26.07 4.31 28.14
C LEU E 188 25.56 5.32 27.13
N ILE E 189 26.34 5.58 26.08
CA ILE E 189 26.05 6.64 25.12
C ILE E 189 26.08 6.05 23.72
N TYR E 190 25.07 6.36 22.91
CA TYR E 190 25.08 5.99 21.51
C TYR E 190 25.01 7.23 20.63
N ARG E 191 25.76 7.20 19.54
CA ARG E 191 25.87 8.30 18.57
C ARG E 191 26.35 9.60 19.24
N MET E 192 27.30 9.47 20.16
CA MET E 192 28.14 10.52 20.74
C MET E 192 27.38 11.45 21.69
N SER E 193 26.05 11.44 21.65
CA SER E 193 25.30 12.33 22.53
C SER E 193 24.10 11.68 23.21
N ASN E 194 23.50 10.66 22.63
CA ASN E 194 22.23 10.14 23.13
C ASN E 194 22.46 9.18 24.29
N LEU E 195 21.66 9.34 25.33
CA LEU E 195 21.80 8.58 26.56
C LEU E 195 20.83 7.41 26.53
N ALA E 196 21.34 6.21 26.79
CA ALA E 196 20.58 4.99 26.61
C ALA E 196 19.56 4.81 27.74
N SER E 197 18.64 3.88 27.52
CA SER E 197 17.61 3.58 28.50
C SER E 197 18.22 2.87 29.70
N GLY E 198 17.69 3.17 30.88
CA GLY E 198 18.21 2.61 32.12
C GLY E 198 19.48 3.24 32.63
N VAL E 199 19.87 4.38 32.07
CA VAL E 199 21.12 5.06 32.42
C VAL E 199 20.76 6.36 33.12
N PRO E 200 21.40 6.69 34.24
CA PRO E 200 21.11 7.96 34.92
C PRO E 200 21.52 9.16 34.07
N ASP E 201 20.83 10.28 34.30
CA ASP E 201 21.01 11.49 33.52
C ASP E 201 22.33 12.19 33.81
N ARG E 202 23.09 11.76 34.83
CA ARG E 202 24.35 12.38 35.17
C ARG E 202 25.46 12.11 34.16
N PHE E 203 25.27 11.20 33.22
CA PHE E 203 26.22 10.98 32.13
C PHE E 203 25.92 11.93 30.98
N SER E 204 26.98 12.48 30.39
CA SER E 204 26.86 13.35 29.23
C SER E 204 27.97 13.06 28.25
N GLY E 205 27.61 12.97 26.98
CA GLY E 205 28.63 12.76 25.97
C GLY E 205 28.70 13.90 24.99
N SER E 206 29.89 14.47 24.77
CA SER E 206 30.02 15.60 23.87
C SER E 206 31.32 15.46 23.09
N GLY E 207 31.28 15.79 21.81
CA GLY E 207 32.48 15.70 21.02
C GLY E 207 32.29 16.30 19.65
N SER E 208 33.42 16.65 19.05
CA SER E 208 33.50 17.09 17.66
C SER E 208 34.40 16.12 16.90
N GLY E 209 34.64 16.45 15.63
CA GLY E 209 35.45 15.61 14.76
C GLY E 209 36.82 15.33 15.31
N THR E 210 37.10 14.04 15.48
CA THR E 210 38.32 13.38 15.96
C THR E 210 38.46 13.52 17.50
N ALA E 211 37.68 14.36 18.18
CA ALA E 211 37.93 14.63 19.60
C ALA E 211 36.64 14.51 20.40
N PHE E 212 36.62 13.61 21.38
CA PHE E 212 35.40 13.30 22.10
C PHE E 212 35.66 13.22 23.60
N THR E 213 34.61 13.47 24.39
CA THR E 213 34.71 13.34 25.83
C THR E 213 33.38 12.90 26.42
N LEU E 214 33.50 12.21 27.56
CA LEU E 214 32.37 11.78 28.39
C LEU E 214 32.53 12.43 29.75
N THR E 215 31.50 13.16 30.18
CA THR E 215 31.50 13.86 31.46
C THR E 215 30.52 13.19 32.40
N ILE E 216 31.00 12.81 33.57
CA ILE E 216 30.16 12.26 34.64
C ILE E 216 30.16 13.27 35.77
N SER E 217 29.00 13.85 36.04
CA SER E 217 28.82 14.78 37.15
C SER E 217 28.25 14.02 38.33
N ARG E 218 28.81 14.29 39.52
CA ARG E 218 28.45 13.66 40.79
C ARG E 218 28.62 12.14 40.69
N LEU E 219 29.89 11.74 40.56
CA LEU E 219 30.25 10.33 40.56
C LEU E 219 29.84 9.67 41.87
N GLU E 220 29.34 8.44 41.76
CA GLU E 220 28.84 7.70 42.91
C GLU E 220 29.27 6.25 42.75
N ALA E 221 28.64 5.37 43.52
CA ALA E 221 28.86 3.94 43.36
C ALA E 221 28.30 3.47 42.01
N GLU E 222 28.76 2.30 41.57
CA GLU E 222 28.48 1.73 40.25
C GLU E 222 28.92 2.65 39.12
N ASP E 223 29.98 3.43 39.37
CA ASP E 223 30.67 4.16 38.32
C ASP E 223 32.09 3.65 38.11
N VAL E 224 32.58 2.79 39.00
CA VAL E 224 33.92 2.23 38.87
C VAL E 224 33.92 1.19 37.75
N GLY E 225 34.87 1.32 36.84
CA GLY E 225 34.98 0.38 35.74
C GLY E 225 35.92 0.91 34.68
N VAL E 226 35.86 0.31 33.51
CA VAL E 226 36.65 0.74 32.36
C VAL E 226 35.70 1.27 31.29
N TYR E 227 36.04 2.42 30.72
CA TYR E 227 35.17 3.10 29.78
C TYR E 227 35.75 2.99 28.37
N TYR E 228 34.92 2.53 27.44
CA TYR E 228 35.36 2.22 26.08
C TYR E 228 34.64 3.09 25.07
N CYS E 229 35.41 3.62 24.12
CA CYS E 229 34.87 4.35 22.97
C CYS E 229 34.99 3.47 21.73
N MET E 230 33.89 3.35 20.99
CA MET E 230 33.83 2.51 19.80
C MET E 230 33.29 3.32 18.63
N GLN E 231 33.89 3.12 17.46
CA GLN E 231 33.43 3.77 16.25
C GLN E 231 32.59 2.80 15.42
N HIS E 232 31.70 3.37 14.60
CA HIS E 232 30.78 2.55 13.82
C HIS E 232 30.62 3.07 12.39
N LEU E 233 31.57 3.85 11.88
CA LEU E 233 31.51 4.29 10.49
C LEU E 233 31.67 3.12 9.53
N GLU E 234 32.71 2.32 9.73
CA GLU E 234 33.04 1.28 8.76
C GLU E 234 33.58 0.07 9.49
N TYR E 235 33.26 -1.10 8.96
CA TYR E 235 33.84 -2.33 9.46
C TYR E 235 35.30 -2.42 9.02
N PRO E 236 36.21 -2.92 9.87
CA PRO E 236 35.98 -3.43 11.22
C PRO E 236 35.79 -2.35 12.29
N LEU E 237 34.88 -2.59 13.22
CA LEU E 237 34.62 -1.64 14.28
C LEU E 237 35.77 -1.67 15.29
N THR E 238 36.28 -0.49 15.64
CA THR E 238 37.48 -0.36 16.44
C THR E 238 37.14 0.27 17.78
N PHE E 239 37.67 -0.31 18.85
CA PHE E 239 37.55 0.21 20.19
C PHE E 239 38.80 1.02 20.56
N GLY E 240 38.68 1.78 21.63
CA GLY E 240 39.84 2.36 22.27
C GLY E 240 40.45 1.41 23.28
N ALA E 241 41.60 1.82 23.81
CA ALA E 241 42.27 0.99 24.80
C ALA E 241 41.50 0.93 26.11
N GLY E 242 40.82 2.00 26.47
CA GLY E 242 40.00 2.07 27.66
C GLY E 242 40.64 2.95 28.72
N THR E 243 39.79 3.53 29.56
CA THR E 243 40.23 4.35 30.68
C THR E 243 39.56 3.84 31.96
N LYS E 244 40.37 3.55 32.97
CA LYS E 244 39.88 2.96 34.21
C LYS E 244 39.71 4.04 35.27
N LEU E 245 38.54 4.05 35.91
CA LEU E 245 38.26 4.95 37.02
C LEU E 245 38.30 4.15 38.31
N GLU E 246 39.09 4.62 39.27
CA GLU E 246 39.31 3.89 40.52
C GLU E 246 39.08 4.81 41.71
N LEU E 247 38.75 4.19 42.84
CA LEU E 247 38.50 4.91 44.08
C LEU E 247 39.81 5.15 44.85
#